data_3BRY
#
_entry.id   3BRY
#
_cell.length_a   125.291
_cell.length_b   125.244
_cell.length_c   269.511
_cell.angle_alpha   90.00
_cell.angle_beta   90.00
_cell.angle_gamma   90.00
#
_symmetry.space_group_name_H-M   'F 2 2 2'
#
loop_
_entity.id
_entity.type
_entity.pdbx_description
1 polymer TbuX
2 non-polymer (HYDROXYETHYLOXY)TRI(ETHYLOXY)OCTANE
#
_entity_poly.entity_id   1
_entity_poly.type   'polypeptide(L)'
_entity_poly.pdbx_seq_one_letter_code
;AGVFNLEGFGPVSRAMGGTGAAFDIGPAAMMENPATLGLMGEGRHFSLGLDVVSTDIKVTNTATGETASSGNHGNNNGPY
FAPQTAFVYRQGRYAFGAGIFAEGGLGTQYGGSSFLSRTSNGVDTGLDQFSRLLVLRVPFSAAYHVTDKLTVGASVDAVW
TSLNLGTLLDVSQIGTLAGQGRVSGTLVPTLLGVPGLSGGYIDFSRNAPVGGGVQAWGIGGRLGLTYQVTPDTRIGAAYQ
AKTHVGDLTGQATLSAVSSVAGNIPLKGDVTVRNFQMPAQLTVGISHQFNDQLSVSADYQRVFWSSVMKDMNVGFVQSGS
AANLDLSLPQNYRDISVFGIGAEYRYNAKWTFRGGFHYAQEAIPGNMLLAVVPATPTTSLTGGVSYAIGKNDVIDFALSV
ALRKTLDNASQPNTAVPISVTHSQVNAVIAYQKRFHHHHHH
;
_entity_poly.pdbx_strand_id   A,B
#
loop_
_chem_comp.id
_chem_comp.type
_chem_comp.name
_chem_comp.formula
C8E non-polymer (HYDROXYETHYLOXY)TRI(ETHYLOXY)OCTANE 'C16 H34 O5'
#
# COMPACT_ATOMS: atom_id res chain seq x y z
N VAL A 3 -9.78 -24.55 16.27
CA VAL A 3 -11.21 -24.12 16.26
C VAL A 3 -11.49 -23.16 15.13
N PHE A 4 -10.42 -22.69 14.47
CA PHE A 4 -10.56 -21.73 13.38
C PHE A 4 -10.70 -22.29 11.98
N ASN A 5 -9.96 -23.36 11.73
CA ASN A 5 -10.03 -24.09 10.47
C ASN A 5 -10.78 -25.25 11.08
N LEU A 6 -10.05 -26.36 11.14
CA LEU A 6 -10.40 -27.64 11.72
C LEU A 6 -10.15 -28.79 10.78
N GLU A 7 -8.87 -29.10 10.63
CA GLU A 7 -8.40 -30.16 9.78
C GLU A 7 -7.60 -31.15 10.61
N GLY A 8 -7.38 -30.80 11.88
CA GLY A 8 -6.60 -31.67 12.75
C GLY A 8 -5.14 -31.28 12.66
N PHE A 9 -4.32 -31.73 13.60
CA PHE A 9 -2.91 -31.39 13.58
C PHE A 9 -2.04 -32.57 13.18
N GLY A 10 -1.06 -32.31 12.32
CA GLY A 10 -0.17 -33.37 11.88
C GLY A 10 -0.68 -34.14 10.66
N PRO A 11 0.22 -34.78 9.92
CA PRO A 11 -0.15 -35.56 8.74
C PRO A 11 -1.15 -36.68 9.00
N VAL A 12 -0.93 -37.45 10.07
CA VAL A 12 -1.83 -38.55 10.39
C VAL A 12 -3.26 -38.06 10.62
N SER A 13 -3.42 -37.12 11.54
CA SER A 13 -4.73 -36.56 11.84
C SER A 13 -5.36 -35.87 10.63
N ARG A 14 -4.59 -35.04 9.92
CA ARG A 14 -5.19 -34.38 8.77
C ARG A 14 -5.63 -35.41 7.74
N ALA A 15 -4.76 -36.38 7.48
CA ALA A 15 -5.05 -37.43 6.50
C ALA A 15 -6.17 -38.38 6.92
N MET A 16 -6.57 -38.34 8.18
CA MET A 16 -7.63 -39.22 8.64
C MET A 16 -8.87 -38.45 9.12
N GLY A 17 -9.25 -37.45 8.34
CA GLY A 17 -10.42 -36.66 8.65
C GLY A 17 -10.31 -35.71 9.83
N GLY A 18 -9.09 -35.38 10.23
CA GLY A 18 -8.90 -34.47 11.35
C GLY A 18 -9.12 -35.22 12.65
N THR A 19 -9.36 -36.51 12.48
CA THR A 19 -9.62 -37.45 13.57
C THR A 19 -8.41 -37.68 14.47
N GLY A 20 -8.64 -38.14 15.71
CA GLY A 20 -7.52 -38.38 16.61
C GLY A 20 -7.79 -38.60 18.10
N ALA A 21 -9.05 -38.66 18.51
CA ALA A 21 -9.38 -38.85 19.92
C ALA A 21 -8.96 -40.19 20.53
N ALA A 22 -9.01 -41.27 19.76
CA ALA A 22 -8.63 -42.58 20.29
C ALA A 22 -7.59 -43.29 19.44
N PHE A 23 -6.84 -42.53 18.65
CA PHE A 23 -5.83 -43.08 17.75
C PHE A 23 -4.46 -42.42 18.02
N ASP A 24 -3.38 -43.15 17.76
CA ASP A 24 -2.04 -42.57 17.96
C ASP A 24 -1.68 -41.78 16.73
N ILE A 25 -1.85 -40.46 16.81
CA ILE A 25 -1.53 -39.59 15.68
C ILE A 25 -0.15 -38.93 15.76
N GLY A 26 0.70 -39.43 16.66
CA GLY A 26 2.03 -38.85 16.79
C GLY A 26 2.10 -37.66 17.74
N PRO A 27 3.23 -36.93 17.76
CA PRO A 27 3.39 -35.77 18.64
C PRO A 27 2.27 -34.74 18.55
N ALA A 28 1.62 -34.65 17.39
CA ALA A 28 0.54 -33.70 17.21
C ALA A 28 -0.53 -33.90 18.27
N ALA A 29 -0.53 -35.07 18.90
CA ALA A 29 -1.51 -35.38 19.94
C ALA A 29 -1.52 -34.28 21.00
N MET A 30 -0.39 -33.60 21.16
CA MET A 30 -0.28 -32.52 22.12
C MET A 30 -1.32 -31.44 21.85
N MET A 31 -1.73 -31.34 20.59
CA MET A 31 -2.72 -30.34 20.20
C MET A 31 -4.14 -30.89 20.14
N GLU A 32 -4.28 -32.21 20.20
CA GLU A 32 -5.61 -32.83 20.15
C GLU A 32 -5.99 -33.49 21.46
N ASN A 33 -5.59 -34.75 21.63
CA ASN A 33 -5.87 -35.50 22.84
C ASN A 33 -4.52 -35.94 23.37
N PRO A 34 -3.96 -35.20 24.34
CA PRO A 34 -2.65 -35.50 24.94
C PRO A 34 -2.53 -36.95 25.45
N ALA A 35 -3.65 -37.53 25.82
CA ALA A 35 -3.65 -38.90 26.31
C ALA A 35 -3.11 -39.87 25.26
N THR A 36 -3.25 -39.49 23.99
CA THR A 36 -2.79 -40.34 22.90
C THR A 36 -1.28 -40.57 22.89
N LEU A 37 -0.50 -39.63 23.42
CA LEU A 37 0.93 -39.85 23.49
C LEU A 37 0.97 -41.05 24.42
N GLY A 38 2.05 -41.81 24.42
CA GLY A 38 2.06 -42.95 25.32
C GLY A 38 1.34 -44.13 24.69
N LEU A 39 0.94 -43.94 23.45
CA LEU A 39 0.30 -44.97 22.66
C LEU A 39 1.49 -45.19 21.72
N MET A 40 2.37 -44.20 21.75
CA MET A 40 3.60 -44.19 20.97
C MET A 40 4.58 -45.16 21.61
N GLY A 41 5.63 -45.51 20.86
CA GLY A 41 6.61 -46.45 21.37
C GLY A 41 7.68 -45.81 22.22
N GLU A 42 8.13 -46.53 23.24
CA GLU A 42 9.17 -46.04 24.12
C GLU A 42 10.32 -45.52 23.28
N GLY A 43 11.00 -44.50 23.82
CA GLY A 43 12.11 -43.90 23.11
C GLY A 43 11.87 -42.41 23.08
N ARG A 44 12.69 -41.69 22.32
CA ARG A 44 12.56 -40.25 22.20
C ARG A 44 12.14 -39.98 20.76
N HIS A 45 11.16 -39.12 20.58
CA HIS A 45 10.68 -38.82 19.24
C HIS A 45 10.85 -37.35 18.90
N PHE A 46 11.38 -37.09 17.71
CA PHE A 46 11.57 -35.73 17.23
C PHE A 46 10.74 -35.57 15.97
N SER A 47 10.01 -34.47 15.88
CA SER A 47 9.18 -34.23 14.71
C SER A 47 9.53 -32.91 14.06
N LEU A 48 9.57 -32.89 12.73
CA LEU A 48 9.91 -31.70 11.99
C LEU A 48 9.07 -31.66 10.72
N GLY A 49 8.37 -30.55 10.49
CA GLY A 49 7.54 -30.44 9.29
C GLY A 49 6.96 -29.05 9.14
N LEU A 50 6.12 -28.87 8.12
CA LEU A 50 5.51 -27.56 7.90
C LEU A 50 4.09 -27.65 7.32
N ASP A 51 3.21 -26.77 7.79
CA ASP A 51 1.82 -26.72 7.36
C ASP A 51 1.60 -25.62 6.34
N VAL A 52 0.77 -25.89 5.34
CA VAL A 52 0.48 -24.89 4.30
C VAL A 52 -1.00 -24.78 3.99
N VAL A 53 -1.54 -23.56 4.11
CA VAL A 53 -2.93 -23.32 3.80
C VAL A 53 -3.00 -22.54 2.49
N SER A 54 -3.68 -23.12 1.50
CA SER A 54 -3.82 -22.51 0.20
C SER A 54 -5.27 -22.13 -0.05
N THR A 55 -5.63 -20.89 0.25
CA THR A 55 -7.01 -20.44 0.08
C THR A 55 -7.23 -19.60 -1.18
N ASP A 56 -8.36 -19.85 -1.82
CA ASP A 56 -8.75 -19.16 -3.05
C ASP A 56 -10.19 -18.68 -2.85
N ILE A 57 -10.40 -17.37 -2.88
CA ILE A 57 -11.75 -16.83 -2.68
C ILE A 57 -12.20 -15.92 -3.80
N LYS A 58 -13.43 -16.14 -4.28
CA LYS A 58 -13.99 -15.32 -5.34
C LYS A 58 -15.29 -14.69 -4.87
N VAL A 59 -15.31 -13.37 -4.78
CA VAL A 59 -16.48 -12.65 -4.34
C VAL A 59 -17.00 -11.70 -5.42
N THR A 60 -18.26 -11.90 -5.82
CA THR A 60 -18.87 -11.06 -6.84
C THR A 60 -20.21 -10.52 -6.35
N THR A 67 -16.54 -8.40 -9.77
CA THR A 67 -16.00 -9.70 -9.37
C THR A 67 -14.64 -9.56 -8.68
N ALA A 68 -14.65 -9.61 -7.36
CA ALA A 68 -13.42 -9.50 -6.56
C ALA A 68 -12.92 -10.89 -6.21
N SER A 69 -11.63 -11.01 -5.93
CA SER A 69 -11.07 -12.33 -5.59
C SER A 69 -9.67 -12.29 -4.99
N SER A 70 -9.58 -12.49 -3.68
CA SER A 70 -8.30 -12.51 -3.00
C SER A 70 -7.57 -13.80 -3.37
N GLY A 71 -7.92 -14.89 -2.69
CA GLY A 71 -7.32 -16.18 -2.96
C GLY A 71 -5.84 -16.12 -3.28
N ASN A 72 -5.49 -16.49 -4.50
CA ASN A 72 -4.10 -16.46 -4.95
C ASN A 72 -3.94 -15.51 -6.13
N HIS A 73 -4.05 -14.22 -5.84
CA HIS A 73 -3.93 -13.15 -6.81
C HIS A 73 -2.65 -13.19 -7.62
N GLY A 74 -1.57 -12.68 -7.04
CA GLY A 74 -0.30 -12.67 -7.73
C GLY A 74 0.86 -13.23 -6.93
N ASN A 75 1.36 -12.46 -5.96
CA ASN A 75 2.47 -12.91 -5.15
C ASN A 75 2.68 -12.04 -3.91
N ASN A 76 1.82 -12.23 -2.91
CA ASN A 76 1.88 -11.50 -1.66
C ASN A 76 0.75 -11.93 -0.76
N ASN A 77 -0.16 -12.73 -1.31
CA ASN A 77 -1.27 -13.27 -0.55
C ASN A 77 -1.08 -14.76 -0.67
N GLY A 78 0.10 -15.13 -1.17
CA GLY A 78 0.47 -16.52 -1.32
C GLY A 78 0.25 -17.22 -0.02
N PRO A 79 0.60 -18.50 0.07
CA PRO A 79 0.39 -19.25 1.31
C PRO A 79 1.39 -19.13 2.46
N TYR A 80 0.85 -19.17 3.68
CA TYR A 80 1.71 -19.15 4.84
C TYR A 80 2.16 -20.58 4.99
N PHE A 81 3.44 -20.71 5.27
CA PHE A 81 4.18 -21.95 5.48
C PHE A 81 4.61 -21.95 6.93
N ALA A 82 3.78 -22.42 7.85
CA ALA A 82 4.22 -22.40 9.24
C ALA A 82 4.99 -23.67 9.65
N PRO A 83 6.13 -23.50 10.34
CA PRO A 83 6.91 -24.66 10.75
C PRO A 83 6.32 -25.34 11.98
N GLN A 84 6.69 -26.60 12.17
CA GLN A 84 6.23 -27.37 13.30
C GLN A 84 7.29 -28.38 13.70
N THR A 85 7.66 -28.33 14.97
CA THR A 85 8.66 -29.22 15.54
C THR A 85 8.04 -29.78 16.81
N ALA A 86 8.47 -30.96 17.21
CA ALA A 86 7.91 -31.56 18.40
C ALA A 86 8.83 -32.61 19.02
N PHE A 87 8.79 -32.70 20.34
CA PHE A 87 9.59 -33.66 21.05
C PHE A 87 8.72 -34.47 21.99
N VAL A 88 8.96 -35.78 22.05
CA VAL A 88 8.21 -36.65 22.93
C VAL A 88 9.12 -37.76 23.47
N TYR A 89 9.15 -37.86 24.80
CA TYR A 89 9.96 -38.86 25.49
C TYR A 89 9.00 -39.90 26.05
N ARG A 90 9.18 -41.16 25.67
CA ARG A 90 8.32 -42.25 26.13
C ARG A 90 9.09 -43.23 27.01
N GLN A 91 8.50 -43.57 28.15
CA GLN A 91 9.12 -44.50 29.08
C GLN A 91 8.12 -45.08 30.06
N GLY A 92 8.01 -46.40 30.06
CA GLY A 92 7.07 -47.06 30.95
C GLY A 92 5.70 -46.43 30.88
N ARG A 93 5.17 -46.07 32.04
CA ARG A 93 3.85 -45.45 32.13
C ARG A 93 3.88 -43.97 31.78
N TYR A 94 5.04 -43.46 31.36
CA TYR A 94 5.15 -42.03 31.08
C TYR A 94 5.40 -41.54 29.66
N ALA A 95 4.96 -40.30 29.44
CA ALA A 95 5.11 -39.59 28.18
C ALA A 95 5.17 -38.10 28.47
N PHE A 96 6.21 -37.43 27.98
CA PHE A 96 6.37 -35.99 28.17
C PHE A 96 6.75 -35.39 26.83
N GLY A 97 6.24 -34.19 26.56
CA GLY A 97 6.56 -33.56 25.29
C GLY A 97 6.28 -32.08 25.20
N ALA A 98 6.92 -31.44 24.24
CA ALA A 98 6.76 -30.02 23.99
C ALA A 98 6.82 -29.83 22.49
N GLY A 99 6.15 -28.80 22.02
CA GLY A 99 6.15 -28.56 20.58
C GLY A 99 5.81 -27.12 20.25
N ILE A 100 5.88 -26.82 18.96
CA ILE A 100 5.57 -25.50 18.45
C ILE A 100 4.72 -25.74 17.22
N PHE A 101 3.42 -25.53 17.35
CA PHE A 101 2.48 -25.73 16.26
C PHE A 101 1.84 -24.41 15.88
N ALA A 102 1.89 -24.08 14.59
CA ALA A 102 1.34 -22.83 14.09
C ALA A 102 0.01 -22.97 13.37
N GLU A 103 -1.08 -23.04 14.13
CA GLU A 103 -2.40 -23.14 13.53
C GLU A 103 -2.76 -21.78 12.95
N GLY A 104 -4.02 -21.63 12.52
CA GLY A 104 -4.44 -20.36 11.95
C GLY A 104 -3.71 -20.06 10.64
N GLY A 105 -4.47 -19.69 9.62
CA GLY A 105 -3.88 -19.38 8.34
C GLY A 105 -4.92 -18.76 7.43
N LEU A 106 -5.99 -18.25 8.04
CA LEU A 106 -7.07 -17.62 7.29
C LEU A 106 -6.74 -16.20 6.88
N GLY A 107 -5.95 -16.08 5.81
CA GLY A 107 -5.57 -14.77 5.32
C GLY A 107 -6.18 -14.50 3.97
N THR A 108 -6.35 -13.23 3.64
CA THR A 108 -6.92 -12.84 2.35
C THR A 108 -6.21 -11.59 1.86
N GLN A 109 -6.09 -11.47 0.55
CA GLN A 109 -5.45 -10.30 -0.01
C GLN A 109 -6.04 -9.98 -1.36
N TYR A 110 -7.13 -9.21 -1.33
CA TYR A 110 -7.80 -8.78 -2.53
C TYR A 110 -6.97 -7.64 -3.09
N GLY A 111 -7.34 -7.15 -4.27
CA GLY A 111 -6.60 -6.07 -4.86
C GLY A 111 -6.96 -4.74 -4.22
N GLY A 112 -6.99 -3.71 -5.06
CA GLY A 112 -7.33 -2.38 -4.60
C GLY A 112 -8.24 -1.78 -5.65
N SER A 113 -8.22 -2.42 -6.81
CA SER A 113 -8.98 -1.99 -7.97
C SER A 113 -10.42 -2.53 -8.07
N SER A 114 -10.89 -3.22 -7.03
CA SER A 114 -12.24 -3.79 -7.09
C SER A 114 -13.17 -3.13 -6.10
N PHE A 115 -14.38 -3.69 -5.95
CA PHE A 115 -15.29 -3.12 -4.98
C PHE A 115 -14.87 -3.78 -3.66
N LEU A 116 -15.41 -3.26 -2.55
CA LEU A 116 -15.07 -3.61 -1.18
C LEU A 116 -14.08 -2.49 -1.07
N SER A 117 -13.79 -1.94 -2.25
CA SER A 117 -12.95 -0.76 -2.36
C SER A 117 -14.07 0.24 -2.66
N ARG A 118 -14.86 0.02 -3.73
CA ARG A 118 -15.99 0.91 -3.99
C ARG A 118 -16.80 1.02 -2.69
N THR A 119 -17.00 2.25 -2.23
CA THR A 119 -17.70 2.51 -0.99
C THR A 119 -19.19 2.82 -1.10
N SER A 120 -19.84 2.90 0.05
CA SER A 120 -21.27 3.18 0.12
C SER A 120 -21.60 4.58 -0.42
N ASN A 121 -21.50 4.70 -1.74
CA ASN A 121 -21.78 5.92 -2.49
C ASN A 121 -21.10 5.85 -3.84
N GLY A 122 -19.82 5.49 -3.85
CA GLY A 122 -19.12 5.39 -5.11
C GLY A 122 -17.63 5.71 -5.13
N VAL A 123 -17.06 6.19 -4.04
CA VAL A 123 -15.63 6.51 -4.07
C VAL A 123 -14.76 5.26 -3.99
N ASP A 124 -13.44 5.46 -4.03
CA ASP A 124 -12.53 4.33 -4.03
C ASP A 124 -11.21 4.38 -3.26
N THR A 125 -10.55 3.23 -3.41
CA THR A 125 -9.23 2.80 -2.98
C THR A 125 -8.70 2.70 -1.52
N GLY A 126 -7.53 3.28 -1.26
CA GLY A 126 -6.95 3.19 0.12
C GLY A 126 -5.74 2.28 0.02
N LEU A 127 -5.36 1.58 1.09
CA LEU A 127 -4.21 0.67 0.99
C LEU A 127 -4.87 -0.66 0.66
N ASP A 128 -6.17 -0.62 0.87
CA ASP A 128 -7.10 -1.69 0.58
C ASP A 128 -7.13 -3.02 1.31
N GLN A 129 -8.20 -3.75 0.99
CA GLN A 129 -8.58 -5.03 1.55
C GLN A 129 -7.68 -6.26 1.64
N PHE A 130 -7.34 -6.63 2.88
CA PHE A 130 -6.55 -7.81 3.20
C PHE A 130 -6.93 -8.21 4.62
N SER A 131 -6.31 -9.28 5.12
CA SER A 131 -6.62 -9.77 6.46
C SER A 131 -5.80 -11.01 6.72
N ARG A 132 -5.19 -11.10 7.89
CA ARG A 132 -4.37 -12.26 8.23
C ARG A 132 -4.40 -12.61 9.72
N LEU A 133 -4.71 -13.87 10.03
CA LEU A 133 -4.74 -14.34 11.42
C LEU A 133 -3.75 -15.50 11.56
N LEU A 134 -2.78 -15.32 12.46
CA LEU A 134 -1.75 -16.33 12.71
C LEU A 134 -1.74 -16.68 14.20
N VAL A 135 -1.79 -17.97 14.51
CA VAL A 135 -1.79 -18.39 15.91
C VAL A 135 -0.76 -19.47 16.22
N LEU A 136 0.18 -19.15 17.11
CA LEU A 136 1.21 -20.09 17.51
C LEU A 136 0.87 -20.70 18.86
N ARG A 137 1.06 -22.00 18.99
CA ARG A 137 0.77 -22.65 20.25
C ARG A 137 1.94 -23.53 20.67
N VAL A 138 2.47 -23.24 21.85
CA VAL A 138 3.60 -23.99 22.39
C VAL A 138 3.07 -24.85 23.54
N PRO A 139 2.69 -26.09 23.24
CA PRO A 139 2.19 -26.93 24.32
C PRO A 139 3.28 -27.71 25.03
N PHE A 140 3.08 -27.90 26.33
CA PHE A 140 3.97 -28.68 27.16
C PHE A 140 2.98 -29.68 27.73
N SER A 141 3.18 -30.96 27.41
CA SER A 141 2.25 -31.98 27.86
C SER A 141 2.86 -33.23 28.44
N ALA A 142 2.00 -34.01 29.10
CA ALA A 142 2.37 -35.26 29.72
C ALA A 142 1.22 -36.25 29.56
N ALA A 143 1.55 -37.53 29.49
CA ALA A 143 0.55 -38.58 29.36
C ALA A 143 0.98 -39.71 30.30
N TYR A 144 0.02 -40.27 31.03
CA TYR A 144 0.33 -41.32 31.98
C TYR A 144 -0.61 -42.52 31.98
N HIS A 145 -0.06 -43.73 31.86
CA HIS A 145 -0.87 -44.95 31.90
C HIS A 145 -1.31 -45.12 33.34
N VAL A 146 -2.52 -44.67 33.68
CA VAL A 146 -2.97 -44.82 35.06
C VAL A 146 -3.40 -46.27 35.27
N THR A 147 -3.50 -47.00 34.16
CA THR A 147 -3.90 -48.40 34.18
C THR A 147 -3.45 -49.05 32.88
N ASP A 148 -3.62 -50.36 32.78
CA ASP A 148 -3.24 -51.08 31.58
C ASP A 148 -4.28 -50.80 30.50
N LYS A 149 -5.36 -50.13 30.89
CA LYS A 149 -6.42 -49.79 29.94
C LYS A 149 -6.86 -48.34 30.02
N LEU A 150 -6.38 -47.60 31.02
CA LEU A 150 -6.75 -46.20 31.15
C LEU A 150 -5.51 -45.31 31.09
N THR A 151 -5.56 -44.33 30.22
CA THR A 151 -4.45 -43.39 30.05
C THR A 151 -5.01 -41.98 30.01
N VAL A 152 -4.49 -41.11 30.88
CA VAL A 152 -4.94 -39.73 30.88
C VAL A 152 -3.76 -38.87 30.42
N GLY A 153 -4.08 -37.70 29.89
CA GLY A 153 -3.04 -36.81 29.41
C GLY A 153 -3.52 -35.38 29.49
N ALA A 154 -2.59 -34.44 29.41
CA ALA A 154 -2.95 -33.03 29.47
C ALA A 154 -1.83 -32.20 28.88
N SER A 155 -2.14 -30.96 28.54
CA SER A 155 -1.15 -30.08 27.99
C SER A 155 -1.54 -28.63 28.16
N VAL A 156 -0.58 -27.82 28.55
CA VAL A 156 -0.79 -26.39 28.74
C VAL A 156 0.07 -25.72 27.69
N ASP A 157 -0.49 -24.79 26.94
CA ASP A 157 0.30 -24.12 25.93
C ASP A 157 0.37 -22.62 26.08
N ALA A 158 1.48 -22.07 25.61
CA ALA A 158 1.72 -20.64 25.60
C ALA A 158 1.22 -20.35 24.19
N VAL A 159 0.46 -19.28 24.01
CA VAL A 159 -0.04 -19.02 22.66
C VAL A 159 0.24 -17.63 22.15
N TRP A 160 0.63 -17.56 20.88
CA TRP A 160 0.91 -16.31 20.22
C TRP A 160 -0.15 -16.12 19.15
N THR A 161 -0.96 -15.09 19.32
CA THR A 161 -2.03 -14.79 18.37
C THR A 161 -1.67 -13.49 17.69
N SER A 162 -1.66 -13.50 16.37
CA SER A 162 -1.32 -12.31 15.60
C SER A 162 -2.17 -12.12 14.36
N LEU A 163 -2.98 -11.07 14.35
CA LEU A 163 -3.83 -10.79 13.19
C LEU A 163 -3.67 -9.34 12.77
N ASN A 164 -4.35 -8.98 11.70
CA ASN A 164 -4.31 -7.62 11.18
C ASN A 164 -4.98 -7.58 9.82
N LEU A 165 -6.02 -6.76 9.70
CA LEU A 165 -6.70 -6.65 8.42
C LEU A 165 -6.54 -5.26 7.83
N GLY A 166 -7.28 -5.04 6.75
CA GLY A 166 -7.29 -3.77 6.04
C GLY A 166 -8.68 -3.81 5.45
N THR A 167 -9.59 -3.02 6.01
CA THR A 167 -10.95 -3.03 5.51
C THR A 167 -11.68 -1.71 5.72
N LEU A 168 -12.79 -1.55 5.01
CA LEU A 168 -13.61 -0.35 5.12
C LEU A 168 -14.82 -0.70 5.97
N LEU A 169 -15.32 0.29 6.71
CA LEU A 169 -16.51 0.07 7.53
C LEU A 169 -17.47 1.21 7.27
N ASP A 170 -18.43 0.98 6.38
CA ASP A 170 -19.39 2.00 6.04
C ASP A 170 -20.56 1.98 7.02
N VAL A 171 -21.44 0.98 6.90
CA VAL A 171 -22.60 0.92 7.76
C VAL A 171 -23.20 2.30 7.71
N SER A 172 -22.87 3.02 6.64
CA SER A 172 -23.34 4.40 6.48
C SER A 172 -22.67 5.21 7.56
N GLN A 173 -23.46 5.62 8.54
CA GLN A 173 -22.94 6.38 9.66
C GLN A 173 -23.51 5.72 10.90
N ILE A 174 -24.29 6.48 11.67
CA ILE A 174 -24.91 5.95 12.86
C ILE A 174 -23.99 5.45 13.96
N GLY A 175 -22.99 4.65 13.60
CA GLY A 175 -22.08 4.12 14.61
C GLY A 175 -22.86 3.24 15.56
N THR A 176 -23.37 2.13 15.05
CA THR A 176 -24.17 1.21 15.86
C THR A 176 -25.63 1.41 15.50
N LEU A 177 -25.87 1.62 14.21
CA LEU A 177 -27.23 1.84 13.74
C LEU A 177 -27.64 3.27 14.05
N ALA A 178 -27.35 3.69 15.28
CA ALA A 178 -27.68 5.04 15.72
C ALA A 178 -27.26 5.23 17.15
N GLY A 179 -28.21 5.56 18.01
CA GLY A 179 -27.90 5.77 19.42
C GLY A 179 -27.80 4.46 20.18
N GLN A 180 -27.38 3.41 19.48
CA GLN A 180 -27.25 2.10 20.11
C GLN A 180 -26.50 2.16 21.44
N GLY A 181 -25.22 2.52 21.38
CA GLY A 181 -24.42 2.62 22.58
C GLY A 181 -23.01 2.09 22.41
N ARG A 182 -22.80 1.32 21.35
CA ARG A 182 -21.49 0.75 21.09
C ARG A 182 -20.40 1.75 20.71
N VAL A 183 -20.37 2.12 19.43
CA VAL A 183 -19.37 3.06 18.96
C VAL A 183 -19.45 4.44 19.59
N SER A 184 -18.30 5.05 19.84
CA SER A 184 -18.26 6.37 20.44
C SER A 184 -17.02 6.62 21.27
N GLY A 185 -16.15 7.52 20.80
CA GLY A 185 -14.93 7.84 21.52
C GLY A 185 -14.56 9.31 21.46
N THR A 186 -13.72 9.73 22.40
CA THR A 186 -13.29 11.12 22.46
C THR A 186 -12.34 11.53 21.35
N LEU A 187 -12.71 11.13 20.13
CA LEU A 187 -11.93 11.42 18.95
C LEU A 187 -12.86 11.17 17.79
N VAL A 188 -14.10 10.82 18.15
CA VAL A 188 -15.12 10.57 17.17
C VAL A 188 -15.58 11.91 16.61
N PRO A 189 -14.73 12.90 16.75
CA PRO A 189 -15.02 14.24 16.25
C PRO A 189 -14.77 14.30 14.76
N THR A 190 -13.60 13.80 14.34
CA THR A 190 -13.29 13.79 12.93
C THR A 190 -14.43 13.05 12.26
N LEU A 191 -14.95 12.05 12.96
CA LEU A 191 -16.07 11.30 12.47
C LEU A 191 -17.25 12.23 12.57
N LEU A 192 -18.13 12.21 11.57
CA LEU A 192 -19.26 13.11 11.57
C LEU A 192 -18.78 14.39 10.93
N GLY A 193 -17.63 14.89 11.40
CA GLY A 193 -17.07 16.10 10.84
C GLY A 193 -16.42 15.82 9.51
N VAL A 194 -15.10 15.95 9.44
CA VAL A 194 -14.37 15.69 8.21
C VAL A 194 -15.02 16.18 6.93
N PRO A 195 -15.88 15.35 6.35
CA PRO A 195 -16.55 15.73 5.11
C PRO A 195 -16.22 14.80 3.96
N GLY A 196 -16.55 13.52 4.13
CA GLY A 196 -16.29 12.53 3.09
C GLY A 196 -17.55 11.73 2.86
N LEU A 197 -18.06 11.12 3.93
CA LEU A 197 -19.29 10.34 3.94
C LEU A 197 -19.27 8.80 3.95
N SER A 198 -18.13 8.17 3.68
CA SER A 198 -18.09 6.70 3.70
C SER A 198 -16.74 6.08 3.41
N GLY A 199 -16.10 5.54 4.44
CA GLY A 199 -14.81 4.91 4.22
C GLY A 199 -13.87 4.79 5.40
N GLY A 200 -14.29 4.09 6.45
CA GLY A 200 -13.43 3.91 7.58
C GLY A 200 -12.45 2.80 7.24
N TYR A 201 -11.17 3.14 7.14
CA TYR A 201 -10.16 2.15 6.79
C TYR A 201 -9.17 1.98 7.92
N ILE A 202 -9.27 0.88 8.65
CA ILE A 202 -8.32 0.64 9.74
C ILE A 202 -7.23 -0.22 9.14
N ASP A 203 -6.02 -0.10 9.67
CA ASP A 203 -4.90 -0.87 9.17
C ASP A 203 -3.99 -1.40 10.25
N PHE A 204 -4.42 -2.47 10.91
CA PHE A 204 -3.61 -3.07 11.95
C PHE A 204 -2.30 -3.42 11.27
N SER A 205 -1.22 -2.76 11.65
CA SER A 205 0.10 -3.00 11.06
C SER A 205 1.11 -1.97 11.54
N GLY A 213 -0.86 -5.63 12.38
CA GLY A 213 0.07 -5.90 13.46
C GLY A 213 -0.54 -5.65 14.82
N VAL A 214 -0.95 -6.72 15.48
CA VAL A 214 -1.53 -6.67 16.82
C VAL A 214 -1.50 -8.07 17.39
N GLN A 215 -0.44 -8.40 18.10
CA GLN A 215 -0.34 -9.73 18.68
C GLN A 215 -0.73 -9.73 20.14
N ALA A 216 -0.52 -10.87 20.79
CA ALA A 216 -0.86 -11.01 22.20
C ALA A 216 -0.47 -12.40 22.68
N TRP A 217 0.13 -12.47 23.86
CA TRP A 217 0.52 -13.75 24.41
C TRP A 217 -0.57 -14.22 25.34
N GLY A 218 -1.05 -15.44 25.11
CA GLY A 218 -2.11 -15.97 25.94
C GLY A 218 -1.77 -17.35 26.45
N ILE A 219 -2.72 -17.95 27.17
CA ILE A 219 -2.51 -19.28 27.71
C ILE A 219 -3.70 -20.17 27.42
N GLY A 220 -3.41 -21.41 27.02
CA GLY A 220 -4.47 -22.35 26.72
C GLY A 220 -4.09 -23.71 27.28
N GLY A 221 -4.89 -24.72 26.99
CA GLY A 221 -4.58 -26.05 27.50
C GLY A 221 -5.65 -27.06 27.19
N ARG A 222 -5.39 -28.31 27.57
CA ARG A 222 -6.34 -29.38 27.33
C ARG A 222 -5.96 -30.66 28.05
N LEU A 223 -6.95 -31.52 28.25
CA LEU A 223 -6.72 -32.82 28.87
C LEU A 223 -7.73 -33.80 28.32
N GLY A 224 -7.35 -35.06 28.27
CA GLY A 224 -8.25 -36.08 27.76
C GLY A 224 -7.81 -37.44 28.22
N LEU A 225 -8.57 -38.45 27.83
CA LEU A 225 -8.26 -39.81 28.23
C LEU A 225 -8.57 -40.79 27.10
N THR A 226 -8.03 -41.99 27.23
CA THR A 226 -8.26 -43.04 26.27
C THR A 226 -8.53 -44.27 27.11
N TYR A 227 -9.46 -45.11 26.67
CA TYR A 227 -9.75 -46.31 27.41
C TYR A 227 -9.83 -47.51 26.47
N GLN A 228 -8.91 -48.45 26.64
CA GLN A 228 -8.85 -49.65 25.82
C GLN A 228 -10.03 -50.58 26.07
N VAL A 229 -11.15 -50.31 25.40
CA VAL A 229 -12.33 -51.13 25.57
C VAL A 229 -11.96 -52.58 25.27
N THR A 230 -11.17 -52.78 24.22
CA THR A 230 -10.74 -54.11 23.82
C THR A 230 -9.37 -53.99 23.17
N PRO A 231 -8.68 -55.13 22.98
CA PRO A 231 -7.36 -55.05 22.37
C PRO A 231 -7.42 -54.39 20.99
N ASP A 232 -8.60 -54.42 20.37
CA ASP A 232 -8.79 -53.86 19.03
C ASP A 232 -9.65 -52.59 18.96
N THR A 233 -10.25 -52.21 20.08
CA THR A 233 -11.07 -51.01 20.07
C THR A 233 -10.69 -50.08 21.21
N ARG A 234 -10.48 -48.82 20.86
CA ARG A 234 -10.11 -47.81 21.83
C ARG A 234 -11.10 -46.68 21.70
N ILE A 235 -11.33 -45.99 22.79
CA ILE A 235 -12.24 -44.86 22.79
C ILE A 235 -11.47 -43.77 23.50
N GLY A 236 -11.95 -42.55 23.36
CA GLY A 236 -11.27 -41.45 24.02
C GLY A 236 -12.09 -40.20 23.95
N ALA A 237 -11.66 -39.22 24.72
CA ALA A 237 -12.33 -37.95 24.76
C ALA A 237 -11.27 -36.95 25.15
N ALA A 238 -11.45 -35.71 24.69
CA ALA A 238 -10.50 -34.67 25.00
C ALA A 238 -11.28 -33.39 25.20
N TYR A 239 -10.81 -32.56 26.11
CA TYR A 239 -11.47 -31.29 26.37
C TYR A 239 -10.47 -30.15 26.26
N GLN A 240 -10.77 -29.21 25.39
CA GLN A 240 -9.91 -28.06 25.19
C GLN A 240 -10.48 -26.85 25.90
N ALA A 241 -9.80 -26.41 26.95
CA ALA A 241 -10.25 -25.26 27.71
C ALA A 241 -10.45 -24.09 26.75
N LYS A 242 -11.13 -23.07 27.22
CA LYS A 242 -11.38 -21.87 26.44
C LYS A 242 -10.03 -21.16 26.44
N THR A 243 -9.45 -20.90 25.28
CA THR A 243 -8.17 -20.22 25.26
C THR A 243 -8.32 -18.88 25.98
N HIS A 244 -7.20 -18.38 26.49
CA HIS A 244 -7.14 -17.14 27.25
C HIS A 244 -6.06 -16.30 26.58
N VAL A 245 -6.42 -15.58 25.53
CA VAL A 245 -5.47 -14.79 24.77
C VAL A 245 -5.04 -13.42 25.28
N GLY A 246 -5.84 -12.79 26.12
CA GLY A 246 -5.48 -11.49 26.61
C GLY A 246 -5.71 -10.44 25.54
N ASP A 247 -5.16 -9.24 25.73
CA ASP A 247 -5.35 -8.14 24.79
C ASP A 247 -4.42 -8.12 23.57
N LEU A 248 -5.01 -7.84 22.42
CA LEU A 248 -4.27 -7.74 21.16
C LEU A 248 -3.87 -6.29 20.91
N THR A 249 -2.63 -5.94 21.24
CA THR A 249 -2.15 -4.57 21.07
C THR A 249 -1.34 -4.40 19.79
N GLY A 250 -1.44 -3.23 19.18
CA GLY A 250 -0.70 -2.97 17.95
C GLY A 250 -0.86 -1.56 17.41
N GLN A 251 0.20 -1.05 16.79
CA GLN A 251 0.17 0.29 16.22
C GLN A 251 -0.50 0.24 14.85
N ALA A 252 -1.64 0.92 14.74
CA ALA A 252 -2.39 0.96 13.48
C ALA A 252 -2.48 2.37 12.91
N THR A 253 -3.20 2.51 11.81
CA THR A 253 -3.38 3.81 11.17
C THR A 253 -4.75 3.89 10.51
N LEU A 254 -5.74 4.39 11.25
CA LEU A 254 -7.09 4.52 10.72
C LEU A 254 -7.18 5.67 9.74
N SER A 255 -8.19 5.63 8.89
CA SER A 255 -8.39 6.65 7.89
C SER A 255 -9.76 6.50 7.24
N ALA A 256 -10.57 7.56 7.31
CA ALA A 256 -11.92 7.53 6.74
C ALA A 256 -12.01 8.23 5.39
N VAL A 257 -13.22 8.29 4.86
CA VAL A 257 -13.47 8.93 3.56
C VAL A 257 -14.77 9.72 3.59
N GLY A 262 -13.63 12.54 -0.71
CA GLY A 262 -12.21 12.61 -0.44
C GLY A 262 -11.71 11.46 0.40
N ASN A 263 -10.59 11.66 1.10
CA ASN A 263 -10.01 10.63 1.95
C ASN A 263 -9.40 11.26 3.21
N ILE A 264 -9.39 10.51 4.31
CA ILE A 264 -8.87 11.01 5.58
C ILE A 264 -7.86 10.07 6.22
N PRO A 265 -6.62 10.55 6.46
CA PRO A 265 -5.58 9.71 7.08
C PRO A 265 -5.44 9.98 8.58
N LEU A 266 -5.07 8.95 9.34
CA LEU A 266 -4.87 9.06 10.79
C LEU A 266 -3.86 8.01 11.27
N LYS A 267 -3.37 8.17 12.50
CA LYS A 267 -2.38 7.23 13.03
C LYS A 267 -2.43 7.06 14.56
N GLY A 268 -2.09 5.87 15.03
CA GLY A 268 -2.10 5.57 16.46
C GLY A 268 -2.23 4.08 16.72
N ASP A 269 -1.80 3.62 17.90
CA ASP A 269 -1.89 2.19 18.23
C ASP A 269 -3.24 1.78 18.82
N VAL A 270 -3.72 0.61 18.37
CA VAL A 270 -5.01 0.05 18.78
C VAL A 270 -4.92 -1.14 19.74
N THR A 271 -5.99 -1.34 20.51
CA THR A 271 -6.07 -2.44 21.46
C THR A 271 -7.38 -3.21 21.28
N VAL A 272 -7.29 -4.54 21.26
CA VAL A 272 -8.47 -5.39 21.10
C VAL A 272 -8.65 -6.25 22.35
N ARG A 273 -9.83 -6.17 22.95
CA ARG A 273 -10.14 -6.92 24.16
C ARG A 273 -11.28 -7.92 23.94
N ASN A 274 -11.13 -9.11 24.51
CA ASN A 274 -12.13 -10.17 24.43
C ASN A 274 -12.14 -11.01 23.15
N PHE A 275 -11.00 -11.08 22.46
CA PHE A 275 -10.93 -11.91 21.26
C PHE A 275 -10.71 -13.30 21.85
N GLN A 276 -11.82 -14.01 22.06
CA GLN A 276 -11.76 -15.34 22.66
C GLN A 276 -11.79 -16.48 21.65
N MET A 277 -11.28 -17.63 22.09
CA MET A 277 -11.27 -18.84 21.30
C MET A 277 -12.08 -19.81 22.15
N PRO A 278 -13.18 -20.34 21.61
CA PRO A 278 -14.09 -21.28 22.28
C PRO A 278 -13.51 -22.58 22.82
N ALA A 279 -14.15 -23.09 23.88
CA ALA A 279 -13.75 -24.35 24.49
C ALA A 279 -14.13 -25.40 23.46
N GLN A 280 -13.67 -26.63 23.67
CA GLN A 280 -13.95 -27.68 22.69
C GLN A 280 -14.04 -29.06 23.32
N LEU A 281 -15.04 -29.84 22.90
CA LEU A 281 -15.19 -31.19 23.41
C LEU A 281 -15.12 -32.17 22.26
N THR A 282 -14.35 -33.23 22.45
CA THR A 282 -14.17 -34.23 21.42
C THR A 282 -14.15 -35.66 21.96
N VAL A 283 -14.97 -36.51 21.34
CA VAL A 283 -15.03 -37.92 21.70
C VAL A 283 -14.89 -38.69 20.41
N GLY A 284 -14.15 -39.79 20.44
CA GLY A 284 -13.96 -40.59 19.23
C GLY A 284 -13.69 -42.06 19.47
N ILE A 285 -13.73 -42.84 18.39
CA ILE A 285 -13.50 -44.28 18.45
C ILE A 285 -12.52 -44.70 17.37
N SER A 286 -11.78 -45.77 17.64
CA SER A 286 -10.82 -46.32 16.69
C SER A 286 -10.91 -47.83 16.81
N HIS A 287 -10.77 -48.52 15.68
CA HIS A 287 -10.84 -49.97 15.69
C HIS A 287 -9.88 -50.56 14.66
N GLN A 288 -9.21 -51.64 15.03
CA GLN A 288 -8.31 -52.29 14.10
C GLN A 288 -9.04 -53.53 13.58
N PHE A 289 -9.21 -53.60 12.26
CA PHE A 289 -9.91 -54.71 11.63
C PHE A 289 -8.95 -55.82 11.23
N ASN A 290 -7.66 -55.55 11.41
CA ASN A 290 -6.59 -56.50 11.11
C ASN A 290 -5.29 -55.73 11.03
N ASP A 291 -4.19 -56.44 10.79
CA ASP A 291 -2.88 -55.80 10.72
C ASP A 291 -2.67 -54.84 9.56
N GLN A 292 -3.74 -54.50 8.85
CA GLN A 292 -3.60 -53.59 7.72
C GLN A 292 -4.52 -52.40 7.77
N LEU A 293 -5.77 -52.63 8.16
CA LEU A 293 -6.75 -51.55 8.20
C LEU A 293 -7.25 -51.18 9.59
N SER A 294 -7.36 -49.88 9.81
CA SER A 294 -7.87 -49.33 11.05
C SER A 294 -8.76 -48.15 10.66
N VAL A 295 -9.79 -47.91 11.47
CA VAL A 295 -10.70 -46.82 11.18
C VAL A 295 -10.99 -46.00 12.43
N SER A 296 -11.10 -44.69 12.25
CA SER A 296 -11.39 -43.79 13.35
C SER A 296 -12.61 -42.95 13.01
N ALA A 297 -13.26 -42.45 14.06
CA ALA A 297 -14.44 -41.61 13.90
C ALA A 297 -14.47 -40.75 15.14
N ASP A 298 -14.61 -39.44 14.96
CA ASP A 298 -14.65 -38.53 16.09
C ASP A 298 -15.81 -37.57 15.99
N TYR A 299 -16.29 -37.13 17.14
CA TYR A 299 -17.37 -36.15 17.18
C TYR A 299 -16.78 -34.96 17.91
N GLN A 300 -16.95 -33.78 17.33
CA GLN A 300 -16.40 -32.60 17.95
C GLN A 300 -17.42 -31.48 18.08
N ARG A 301 -17.37 -30.79 19.22
CA ARG A 301 -18.27 -29.69 19.47
C ARG A 301 -17.44 -28.48 19.85
N VAL A 302 -17.65 -27.38 19.14
CA VAL A 302 -16.93 -26.14 19.39
C VAL A 302 -17.90 -25.10 19.95
N PHE A 303 -17.87 -24.93 21.27
CA PHE A 303 -18.77 -24.03 21.96
C PHE A 303 -18.61 -22.54 21.71
N TRP A 304 -18.89 -22.11 20.49
CA TRP A 304 -18.81 -20.70 20.13
C TRP A 304 -19.96 -19.96 20.80
N SER A 305 -20.81 -20.70 21.49
CA SER A 305 -21.96 -20.11 22.18
C SER A 305 -21.51 -19.43 23.47
N SER A 306 -20.36 -19.86 23.99
CA SER A 306 -19.84 -19.31 25.22
C SER A 306 -18.99 -18.05 25.03
N VAL A 307 -18.88 -17.60 23.78
CA VAL A 307 -18.12 -16.38 23.50
C VAL A 307 -19.16 -15.27 23.38
N MET A 308 -19.90 -15.08 24.47
CA MET A 308 -20.95 -14.08 24.55
C MET A 308 -20.50 -12.90 25.41
N LYS A 309 -19.56 -12.13 24.87
CA LYS A 309 -19.02 -10.95 25.54
C LYS A 309 -18.86 -9.89 24.47
N ASP A 310 -18.39 -8.71 24.85
CA ASP A 310 -18.21 -7.65 23.88
C ASP A 310 -16.77 -7.59 23.43
N MET A 311 -16.57 -7.44 22.12
CA MET A 311 -15.23 -7.32 21.56
C MET A 311 -15.12 -5.88 21.08
N ASN A 312 -14.40 -5.07 21.82
CA ASN A 312 -14.23 -3.67 21.47
C ASN A 312 -12.85 -3.33 20.91
N VAL A 313 -12.84 -2.43 19.93
CA VAL A 313 -11.60 -2.00 19.29
C VAL A 313 -11.27 -0.57 19.71
N GLY A 314 -10.20 -0.43 20.50
CA GLY A 314 -9.79 0.88 20.99
C GLY A 314 -8.81 1.60 20.09
N PHE A 315 -8.82 2.93 20.17
CA PHE A 315 -7.94 3.76 19.35
C PHE A 315 -7.30 4.92 20.11
N VAL A 316 -6.03 4.78 20.45
CA VAL A 316 -5.28 5.83 21.14
C VAL A 316 -4.33 6.32 20.04
N GLN A 317 -3.81 7.55 20.13
CA GLN A 317 -3.00 8.03 19.03
C GLN A 317 -1.55 8.52 19.11
N SER A 318 -1.21 9.36 20.09
CA SER A 318 0.16 9.87 20.14
C SER A 318 0.72 9.89 21.55
N GLY A 319 0.45 11.00 22.23
CA GLY A 319 0.84 11.22 23.60
C GLY A 319 -0.46 11.80 24.09
N SER A 320 -1.28 12.09 23.09
CA SER A 320 -2.61 12.65 23.23
C SER A 320 -3.58 11.52 23.59
N ALA A 321 -4.78 11.87 24.00
CA ALA A 321 -5.77 10.87 24.38
C ALA A 321 -6.98 10.88 23.46
N ALA A 322 -6.76 11.02 22.17
CA ALA A 322 -7.86 11.01 21.21
C ALA A 322 -8.39 9.58 21.21
N ASN A 323 -9.69 9.41 21.45
CA ASN A 323 -10.28 8.08 21.50
C ASN A 323 -11.25 7.77 20.36
N LEU A 324 -11.69 6.53 20.33
CA LEU A 324 -12.64 6.03 19.34
C LEU A 324 -12.90 4.55 19.59
N ASP A 325 -13.80 4.27 20.52
CA ASP A 325 -14.14 2.89 20.85
C ASP A 325 -15.27 2.38 19.97
N LEU A 326 -15.29 1.07 19.79
CA LEU A 326 -16.31 0.41 18.97
C LEU A 326 -16.51 -1.00 19.49
N SER A 327 -17.68 -1.26 20.05
CA SER A 327 -17.98 -2.59 20.56
C SER A 327 -18.66 -3.46 19.50
N LEU A 328 -18.15 -4.66 19.33
CA LEU A 328 -18.70 -5.60 18.36
C LEU A 328 -19.43 -6.72 19.09
N PRO A 329 -20.74 -6.85 18.85
CA PRO A 329 -21.56 -7.88 19.49
C PRO A 329 -21.14 -9.28 19.06
N GLN A 330 -21.04 -10.19 20.03
CA GLN A 330 -20.66 -11.56 19.72
C GLN A 330 -21.71 -12.57 20.15
N ASN A 331 -22.50 -13.03 19.17
CA ASN A 331 -23.52 -14.02 19.42
C ASN A 331 -23.47 -15.09 18.33
N TYR A 332 -22.79 -16.18 18.63
CA TYR A 332 -22.68 -17.27 17.67
C TYR A 332 -23.38 -18.49 18.23
N ARG A 333 -23.19 -19.63 17.56
CA ARG A 333 -23.80 -20.87 18.00
C ARG A 333 -22.76 -21.98 17.90
N ASP A 334 -22.87 -22.98 18.77
CA ASP A 334 -21.92 -24.08 18.77
C ASP A 334 -21.82 -24.74 17.39
N ILE A 335 -20.62 -25.13 17.02
CA ILE A 335 -20.37 -25.79 15.76
C ILE A 335 -20.03 -27.25 16.02
N SER A 336 -20.65 -28.14 15.26
CA SER A 336 -20.37 -29.56 15.40
C SER A 336 -19.72 -30.09 14.13
N VAL A 337 -18.68 -30.87 14.31
CA VAL A 337 -17.98 -31.46 13.19
C VAL A 337 -17.83 -32.94 13.47
N PHE A 338 -18.02 -33.74 12.43
CA PHE A 338 -17.88 -35.18 12.52
C PHE A 338 -16.76 -35.54 11.58
N GLY A 339 -15.93 -36.51 11.97
CA GLY A 339 -14.83 -36.90 11.11
C GLY A 339 -14.66 -38.40 11.05
N ILE A 340 -14.08 -38.86 9.95
CA ILE A 340 -13.86 -40.28 9.76
C ILE A 340 -12.65 -40.48 8.87
N GLY A 341 -11.80 -41.43 9.24
CA GLY A 341 -10.61 -41.70 8.45
C GLY A 341 -10.19 -43.14 8.57
N ALA A 342 -9.26 -43.55 7.71
CA ALA A 342 -8.77 -44.91 7.73
C ALA A 342 -7.26 -44.89 7.50
N GLU A 343 -6.57 -45.84 8.09
CA GLU A 343 -5.12 -45.94 7.91
C GLU A 343 -4.87 -47.34 7.38
N TYR A 344 -4.36 -47.41 6.15
CA TYR A 344 -4.09 -48.68 5.53
C TYR A 344 -2.60 -49.00 5.45
N ARG A 345 -2.16 -49.99 6.22
CA ARG A 345 -0.76 -50.39 6.20
C ARG A 345 -0.55 -51.25 4.97
N TYR A 346 -0.27 -50.62 3.84
CA TYR A 346 -0.06 -51.34 2.58
C TYR A 346 1.03 -52.41 2.74
N ASN A 347 2.09 -52.05 3.44
CA ASN A 347 3.18 -52.98 3.71
C ASN A 347 4.15 -52.36 4.72
N ALA A 348 5.23 -53.08 5.02
CA ALA A 348 6.21 -52.61 6.00
C ALA A 348 6.66 -51.14 5.93
N LYS A 349 6.67 -50.54 4.73
CA LYS A 349 7.12 -49.15 4.67
C LYS A 349 6.21 -48.11 4.01
N TRP A 350 5.05 -48.53 3.51
CA TRP A 350 4.12 -47.59 2.89
C TRP A 350 2.78 -47.67 3.62
N THR A 351 2.30 -46.52 4.09
CA THR A 351 1.02 -46.48 4.78
C THR A 351 0.15 -45.45 4.06
N PHE A 352 -1.09 -45.82 3.76
CA PHE A 352 -1.97 -44.90 3.08
C PHE A 352 -3.13 -44.52 3.98
N ARG A 353 -3.47 -43.23 3.96
CA ARG A 353 -4.56 -42.74 4.78
C ARG A 353 -5.51 -41.90 3.96
N GLY A 354 -6.79 -42.00 4.32
CA GLY A 354 -7.82 -41.27 3.64
C GLY A 354 -8.93 -41.06 4.65
N GLY A 355 -9.71 -40.02 4.45
CA GLY A 355 -10.80 -39.74 5.35
C GLY A 355 -11.71 -38.68 4.78
N PHE A 356 -12.72 -38.31 5.56
CA PHE A 356 -13.70 -37.31 5.18
C PHE A 356 -13.97 -36.50 6.45
N HIS A 357 -14.17 -35.20 6.28
CA HIS A 357 -14.40 -34.30 7.40
C HIS A 357 -15.64 -33.44 7.15
N TYR A 358 -16.59 -33.46 8.07
CA TYR A 358 -17.85 -32.73 7.91
C TYR A 358 -18.17 -31.78 9.08
N ALA A 359 -18.37 -30.50 8.76
CA ALA A 359 -18.68 -29.50 9.78
C ALA A 359 -19.87 -28.64 9.41
N GLN A 360 -20.74 -28.37 10.40
CA GLN A 360 -21.93 -27.55 10.20
C GLN A 360 -22.61 -27.18 11.52
N GLU A 361 -23.88 -26.82 11.42
CA GLU A 361 -24.68 -26.44 12.58
C GLU A 361 -24.24 -25.12 13.20
N THR A 377 -16.84 -26.69 5.40
CA THR A 377 -17.86 -27.54 6.02
C THR A 377 -17.78 -28.97 5.51
N THR A 378 -16.88 -29.21 4.55
CA THR A 378 -16.68 -30.54 3.99
C THR A 378 -15.36 -30.59 3.25
N SER A 379 -14.58 -31.63 3.51
CA SER A 379 -13.31 -31.77 2.84
C SER A 379 -12.83 -33.20 2.74
N LEU A 380 -12.26 -33.52 1.58
CA LEU A 380 -11.72 -34.85 1.37
C LEU A 380 -10.34 -34.81 1.98
N THR A 381 -9.91 -35.95 2.46
CA THR A 381 -8.64 -36.04 3.14
C THR A 381 -7.82 -37.21 2.66
N GLY A 382 -6.50 -37.03 2.60
CA GLY A 382 -5.62 -38.09 2.14
C GLY A 382 -4.20 -37.89 2.61
N GLY A 383 -3.44 -38.98 2.68
CA GLY A 383 -2.06 -38.89 3.11
C GLY A 383 -1.30 -40.17 2.86
N VAL A 384 0.02 -40.05 2.77
CA VAL A 384 0.88 -41.19 2.55
C VAL A 384 2.14 -41.06 3.39
N SER A 385 2.53 -42.16 4.03
CA SER A 385 3.73 -42.20 4.86
C SER A 385 4.70 -43.21 4.28
N TYR A 386 5.97 -42.85 4.26
CA TYR A 386 7.00 -43.75 3.76
C TYR A 386 8.04 -43.93 4.85
N ALA A 387 8.25 -45.18 5.26
CA ALA A 387 9.23 -45.45 6.29
C ALA A 387 10.60 -45.63 5.67
N ILE A 388 11.45 -44.61 5.80
CA ILE A 388 12.81 -44.66 5.26
C ILE A 388 13.59 -45.61 6.17
N GLY A 389 12.94 -46.69 6.58
CA GLY A 389 13.55 -47.64 7.48
C GLY A 389 12.96 -47.33 8.83
N LYS A 390 13.09 -48.25 9.78
CA LYS A 390 12.54 -48.00 11.11
C LYS A 390 13.14 -46.72 11.71
N ASN A 391 12.45 -46.17 12.69
CA ASN A 391 12.90 -44.96 13.36
C ASN A 391 12.95 -43.70 12.48
N ASP A 392 12.63 -43.84 11.20
CA ASP A 392 12.63 -42.71 10.28
C ASP A 392 11.41 -42.79 9.36
N VAL A 393 10.62 -41.72 9.32
CA VAL A 393 9.41 -41.71 8.51
C VAL A 393 9.02 -40.33 7.98
N ILE A 394 8.79 -40.22 6.67
CA ILE A 394 8.32 -38.96 6.09
C ILE A 394 6.84 -39.14 5.85
N ASP A 395 6.05 -38.13 6.20
CA ASP A 395 4.63 -38.22 6.02
C ASP A 395 4.07 -36.98 5.33
N PHE A 396 3.20 -37.19 4.36
CA PHE A 396 2.59 -36.10 3.63
C PHE A 396 1.07 -36.30 3.65
N ALA A 397 0.35 -35.25 4.04
CA ALA A 397 -1.09 -35.30 4.11
C ALA A 397 -1.70 -34.06 3.49
N LEU A 398 -2.94 -34.17 3.05
CA LEU A 398 -3.59 -33.05 2.41
C LEU A 398 -5.11 -33.08 2.58
N SER A 399 -5.68 -31.92 2.83
CA SER A 399 -7.12 -31.81 2.99
C SER A 399 -7.70 -30.87 1.95
N VAL A 400 -8.69 -31.35 1.20
CA VAL A 400 -9.32 -30.54 0.17
C VAL A 400 -10.76 -30.24 0.53
N ALA A 401 -11.09 -28.97 0.65
CA ALA A 401 -12.46 -28.58 0.98
C ALA A 401 -13.31 -28.65 -0.28
N LEU A 402 -14.61 -28.90 -0.09
CA LEU A 402 -15.53 -28.94 -1.22
C LEU A 402 -15.98 -27.50 -1.43
N ARG A 403 -16.47 -27.18 -2.62
CA ARG A 403 -16.89 -25.82 -2.93
C ARG A 403 -18.19 -25.34 -2.28
N LYS A 404 -18.13 -24.16 -1.67
CA LYS A 404 -19.29 -23.55 -1.03
C LYS A 404 -19.62 -22.24 -1.74
N THR A 405 -20.91 -21.99 -1.94
CA THR A 405 -21.33 -20.76 -2.60
C THR A 405 -22.59 -20.19 -1.96
N SER A 419 -21.50 -13.17 -5.22
CA SER A 419 -21.51 -14.16 -4.15
C SER A 419 -20.12 -14.41 -3.59
N VAL A 420 -20.00 -15.45 -2.77
CA VAL A 420 -18.73 -15.81 -2.16
C VAL A 420 -18.50 -17.31 -2.30
N THR A 421 -17.48 -17.69 -3.06
CA THR A 421 -17.14 -19.09 -3.25
C THR A 421 -15.65 -19.27 -2.99
N HIS A 422 -15.29 -20.27 -2.20
CA HIS A 422 -13.89 -20.48 -1.89
C HIS A 422 -13.41 -21.93 -1.99
N SER A 423 -12.15 -22.07 -2.39
CA SER A 423 -11.49 -23.36 -2.50
C SER A 423 -10.51 -23.36 -1.35
N GLN A 424 -10.08 -24.53 -0.91
CA GLN A 424 -9.16 -24.61 0.22
C GLN A 424 -8.37 -25.91 0.20
N VAL A 425 -7.08 -25.80 0.42
CA VAL A 425 -6.20 -26.97 0.46
C VAL A 425 -5.22 -26.86 1.62
N ASN A 426 -5.24 -27.87 2.48
CA ASN A 426 -4.36 -27.91 3.64
C ASN A 426 -3.33 -29.04 3.52
N ALA A 427 -2.11 -28.66 3.11
CA ALA A 427 -1.05 -29.63 2.96
C ALA A 427 -0.16 -29.63 4.20
N VAL A 428 0.39 -30.79 4.52
CA VAL A 428 1.25 -30.94 5.68
C VAL A 428 2.30 -32.01 5.41
N ILE A 429 3.55 -31.70 5.72
CA ILE A 429 4.61 -32.67 5.52
C ILE A 429 5.46 -32.70 6.79
N ALA A 430 5.71 -33.90 7.29
CA ALA A 430 6.49 -34.04 8.51
C ALA A 430 7.52 -35.15 8.43
N TYR A 431 8.62 -34.94 9.15
CA TYR A 431 9.70 -35.89 9.22
C TYR A 431 9.81 -36.27 10.70
N GLN A 432 9.84 -37.57 11.00
CA GLN A 432 9.94 -37.99 12.39
C GLN A 432 10.93 -39.13 12.59
N LYS A 433 11.80 -38.98 13.57
CA LYS A 433 12.78 -40.00 13.90
C LYS A 433 12.71 -40.28 15.39
N ARG A 434 12.76 -41.56 15.76
CA ARG A 434 12.72 -41.92 17.18
C ARG A 434 14.07 -42.51 17.57
N PHE A 435 14.44 -42.37 18.83
CA PHE A 435 15.70 -42.90 19.33
C PHE A 435 15.43 -43.82 20.52
N HIS A 436 16.00 -45.03 20.47
CA HIS A 436 15.83 -45.99 21.55
C HIS A 436 16.80 -47.16 21.41
N VAL B 3 9.57 24.43 -16.53
CA VAL B 3 10.33 23.62 -17.50
C VAL B 3 9.84 22.17 -17.50
N PHE B 4 8.97 21.86 -16.55
CA PHE B 4 8.47 20.49 -16.42
C PHE B 4 7.15 20.17 -17.09
N ASN B 5 6.30 21.17 -17.13
CA ASN B 5 5.01 21.15 -17.79
C ASN B 5 5.57 21.91 -18.96
N LEU B 6 5.01 23.10 -18.93
CA LEU B 6 5.15 24.30 -19.73
C LEU B 6 3.79 24.66 -20.23
N GLU B 7 3.20 25.59 -19.50
CA GLU B 7 1.87 26.13 -19.75
C GLU B 7 1.83 27.62 -19.41
N GLY B 8 2.83 28.06 -18.67
CA GLY B 8 2.88 29.45 -18.25
C GLY B 8 2.30 29.59 -16.86
N PHE B 9 2.58 30.70 -16.17
CA PHE B 9 2.06 30.88 -14.83
C PHE B 9 0.95 31.91 -14.78
N GLY B 10 -0.11 31.61 -14.04
CA GLY B 10 -1.23 32.53 -13.94
C GLY B 10 -2.27 32.38 -15.04
N PRO B 11 -3.51 32.83 -14.78
CA PRO B 11 -4.59 32.72 -15.76
C PRO B 11 -4.31 33.43 -17.08
N VAL B 12 -3.77 34.63 -17.04
CA VAL B 12 -3.49 35.38 -18.26
C VAL B 12 -2.50 34.62 -19.15
N SER B 13 -1.34 34.28 -18.59
CA SER B 13 -0.33 33.54 -19.34
C SER B 13 -0.83 32.18 -19.82
N ARG B 14 -1.48 31.42 -18.93
CA ARG B 14 -1.96 30.12 -19.36
C ARG B 14 -2.96 30.28 -20.49
N ALA B 15 -3.90 31.21 -20.32
CA ALA B 15 -4.93 31.47 -21.31
C ALA B 15 -4.41 32.06 -22.62
N MET B 16 -3.16 32.52 -22.63
CA MET B 16 -2.61 33.09 -23.84
C MET B 16 -1.43 32.31 -24.39
N GLY B 17 -1.56 31.00 -24.38
CA GLY B 17 -0.52 30.12 -24.89
C GLY B 17 0.72 29.99 -24.05
N GLY B 18 0.64 30.33 -22.76
CA GLY B 18 1.80 30.22 -21.89
C GLY B 18 2.72 31.40 -22.13
N THR B 19 2.26 32.27 -23.03
CA THR B 19 2.96 33.47 -23.46
C THR B 19 3.10 34.51 -22.34
N GLY B 20 4.07 35.42 -22.47
CA GLY B 20 4.26 36.44 -21.44
C GLY B 20 5.54 37.26 -21.42
N ALA B 21 6.42 37.09 -22.40
CA ALA B 21 7.68 37.84 -22.43
C ALA B 21 7.55 39.36 -22.60
N ALA B 22 6.56 39.82 -23.37
CA ALA B 22 6.40 41.25 -23.57
C ALA B 22 4.99 41.76 -23.27
N PHE B 23 4.26 41.00 -22.45
CA PHE B 23 2.89 41.32 -22.09
C PHE B 23 2.74 41.39 -20.56
N ASP B 24 1.80 42.21 -20.08
CA ASP B 24 1.57 42.30 -18.63
C ASP B 24 0.65 41.17 -18.23
N ILE B 25 1.24 40.10 -17.69
CA ILE B 25 0.45 38.95 -17.27
C ILE B 25 0.14 38.92 -15.78
N GLY B 26 0.34 40.05 -15.09
CA GLY B 26 0.06 40.11 -13.66
C GLY B 26 1.22 39.65 -12.79
N PRO B 27 0.99 39.45 -11.47
CA PRO B 27 2.04 39.01 -10.55
C PRO B 27 2.80 37.77 -11.00
N ALA B 28 2.15 36.91 -11.77
CA ALA B 28 2.79 35.69 -12.25
C ALA B 28 4.08 36.02 -12.98
N ALA B 29 4.22 37.28 -13.41
CA ALA B 29 5.41 37.72 -14.14
C ALA B 29 6.67 37.35 -13.35
N MET B 30 6.53 37.27 -12.03
CA MET B 30 7.66 36.92 -11.17
C MET B 30 8.24 35.59 -11.57
N MET B 31 7.41 34.73 -12.16
CA MET B 31 7.85 33.41 -12.58
C MET B 31 8.24 33.34 -14.05
N GLU B 32 7.91 34.38 -14.81
CA GLU B 32 8.24 34.40 -16.23
C GLU B 32 9.27 35.47 -16.58
N ASN B 33 8.81 36.68 -16.84
CA ASN B 33 9.70 37.79 -17.14
C ASN B 33 9.39 38.87 -16.11
N PRO B 34 10.21 38.95 -15.05
CA PRO B 34 10.03 39.92 -13.97
C PRO B 34 9.92 41.36 -14.46
N ALA B 35 10.53 41.65 -15.60
CA ALA B 35 10.49 42.99 -16.16
C ALA B 35 9.05 43.42 -16.44
N THR B 36 8.17 42.45 -16.66
CA THR B 36 6.77 42.73 -16.96
C THR B 36 6.02 43.42 -15.83
N LEU B 37 6.44 43.18 -14.59
CA LEU B 37 5.79 43.87 -13.49
C LEU B 37 6.15 45.32 -13.83
N GLY B 38 5.42 46.29 -13.30
CA GLY B 38 5.79 47.64 -13.65
C GLY B 38 5.18 48.03 -14.98
N LEU B 39 4.37 47.13 -15.52
CA LEU B 39 3.65 47.35 -16.75
C LEU B 39 2.28 47.46 -16.10
N MET B 40 2.26 46.97 -14.86
CA MET B 40 1.07 46.99 -14.01
C MET B 40 0.84 48.41 -13.53
N GLY B 41 -0.35 48.66 -13.01
CA GLY B 41 -0.67 49.99 -12.54
C GLY B 41 -0.23 50.26 -11.11
N GLU B 42 0.18 51.50 -10.87
CA GLU B 42 0.62 51.89 -9.55
C GLU B 42 -0.40 51.45 -8.52
N GLY B 43 0.09 51.13 -7.32
CA GLY B 43 -0.78 50.66 -6.27
C GLY B 43 -0.21 49.38 -5.72
N ARG B 44 -0.96 48.70 -4.87
CA ARG B 44 -0.52 47.44 -4.29
C ARG B 44 -1.44 46.38 -4.85
N HIS B 45 -0.87 45.27 -5.28
CA HIS B 45 -1.67 44.19 -5.86
C HIS B 45 -1.54 42.89 -5.06
N PHE B 46 -2.68 42.29 -4.77
CA PHE B 46 -2.70 41.02 -4.05
C PHE B 46 -3.33 39.99 -4.97
N SER B 47 -2.73 38.81 -5.04
CA SER B 47 -3.26 37.77 -5.90
C SER B 47 -3.50 36.50 -5.10
N LEU B 48 -4.62 35.85 -5.37
CA LEU B 48 -4.99 34.63 -4.67
C LEU B 48 -5.67 33.69 -5.65
N GLY B 49 -5.18 32.46 -5.74
CA GLY B 49 -5.78 31.49 -6.66
C GLY B 49 -5.19 30.10 -6.50
N LEU B 50 -5.60 29.17 -7.34
CA LEU B 50 -5.08 27.82 -7.26
C LEU B 50 -4.97 27.12 -8.62
N ASP B 51 -3.89 26.36 -8.80
CA ASP B 51 -3.63 25.64 -10.04
C ASP B 51 -4.01 24.17 -9.92
N VAL B 52 -4.57 23.61 -10.99
CA VAL B 52 -4.98 22.21 -10.98
C VAL B 52 -4.55 21.45 -12.23
N VAL B 53 -3.82 20.37 -12.04
CA VAL B 53 -3.36 19.55 -13.16
C VAL B 53 -4.17 18.25 -13.14
N SER B 54 -4.89 18.00 -14.23
CA SER B 54 -5.72 16.81 -14.35
C SER B 54 -5.16 15.89 -15.44
N THR B 55 -4.32 14.94 -15.05
CA THR B 55 -3.71 14.02 -16.01
C THR B 55 -4.39 12.65 -16.08
N ASP B 56 -4.52 12.15 -17.30
CA ASP B 56 -5.13 10.86 -17.57
C ASP B 56 -4.17 10.10 -18.48
N ILE B 57 -3.66 8.96 -18.02
CA ILE B 57 -2.73 8.18 -18.83
C ILE B 57 -3.16 6.73 -19.02
N LYS B 58 -3.10 6.26 -20.26
CA LYS B 58 -3.46 4.88 -20.58
C LYS B 58 -2.29 4.18 -21.24
N VAL B 59 -1.76 3.17 -20.57
CA VAL B 59 -0.62 2.41 -21.08
C VAL B 59 -0.99 0.95 -21.32
N THR B 60 -0.83 0.49 -22.55
CA THR B 60 -1.14 -0.90 -22.89
C THR B 60 0.04 -1.53 -23.62
N THR B 67 -3.70 -3.70 -20.31
CA THR B 67 -4.05 -2.28 -20.42
C THR B 67 -4.03 -1.60 -19.04
N ALA B 68 -2.93 -0.90 -18.76
CA ALA B 68 -2.77 -0.19 -17.50
C ALA B 68 -3.17 1.28 -17.68
N SER B 69 -3.53 1.95 -16.60
CA SER B 69 -3.94 3.34 -16.71
C SER B 69 -4.04 4.09 -15.38
N SER B 70 -3.06 4.94 -15.10
CA SER B 70 -3.06 5.72 -13.87
C SER B 70 -4.12 6.80 -13.99
N GLY B 71 -3.76 7.90 -14.67
CA GLY B 71 -4.68 9.00 -14.87
C GLY B 71 -5.58 9.28 -13.69
N ASN B 72 -6.89 9.09 -13.87
CA ASN B 72 -7.85 9.32 -12.80
C ASN B 72 -8.59 8.02 -12.48
N HIS B 73 -7.86 7.10 -11.85
CA HIS B 73 -8.36 5.79 -11.45
C HIS B 73 -9.62 5.86 -10.60
N GLY B 74 -9.43 6.10 -9.30
CA GLY B 74 -10.56 6.16 -8.39
C GLY B 74 -10.59 7.41 -7.52
N ASN B 75 -9.74 7.44 -6.50
CA ASN B 75 -9.70 8.58 -5.60
C ASN B 75 -8.48 8.56 -4.70
N ASN B 76 -7.33 8.92 -5.27
CA ASN B 76 -6.06 8.98 -4.56
C ASN B 76 -4.95 9.41 -5.51
N ASN B 77 -5.29 9.45 -6.79
CA ASN B 77 -4.35 9.91 -7.81
C ASN B 77 -5.04 11.09 -8.42
N GLY B 78 -6.08 11.53 -7.72
CA GLY B 78 -6.84 12.69 -8.15
C GLY B 78 -5.90 13.84 -8.36
N PRO B 79 -6.41 15.03 -8.71
CA PRO B 79 -5.54 16.17 -8.95
C PRO B 79 -4.97 16.99 -7.79
N TYR B 80 -3.74 17.45 -7.97
CA TYR B 80 -3.14 18.29 -6.96
C TYR B 80 -3.69 19.66 -7.28
N PHE B 81 -4.06 20.32 -6.20
CA PHE B 81 -4.63 21.66 -6.15
C PHE B 81 -3.61 22.53 -5.45
N ALA B 82 -2.65 23.10 -6.15
CA ALA B 82 -1.68 23.94 -5.46
C ALA B 82 -2.10 25.40 -5.34
N PRO B 83 -1.96 25.98 -4.14
CA PRO B 83 -2.34 27.39 -3.96
C PRO B 83 -1.28 28.34 -4.49
N GLN B 84 -1.71 29.57 -4.77
CA GLN B 84 -0.84 30.60 -5.27
C GLN B 84 -1.30 31.95 -4.79
N THR B 85 -0.39 32.67 -4.16
CA THR B 85 -0.65 34.00 -3.64
C THR B 85 0.49 34.87 -4.13
N ALA B 86 0.24 36.16 -4.26
CA ALA B 86 1.28 37.05 -4.75
C ALA B 86 1.04 38.50 -4.35
N PHE B 87 2.13 39.22 -4.12
CA PHE B 87 2.04 40.61 -3.76
C PHE B 87 2.93 41.43 -4.67
N VAL B 88 2.44 42.59 -5.10
CA VAL B 88 3.21 43.48 -5.95
C VAL B 88 2.90 44.93 -5.62
N TYR B 89 3.95 45.69 -5.33
CA TYR B 89 3.84 47.11 -4.99
C TYR B 89 4.38 47.89 -6.17
N ARG B 90 3.55 48.77 -6.74
CA ARG B 90 3.96 49.58 -7.88
C ARG B 90 4.01 51.06 -7.53
N GLN B 91 5.11 51.70 -7.92
CA GLN B 91 5.30 53.12 -7.64
C GLN B 91 6.36 53.73 -8.53
N GLY B 92 5.96 54.76 -9.27
CA GLY B 92 6.89 55.41 -10.17
C GLY B 92 7.65 54.41 -11.02
N ARG B 93 8.98 54.53 -11.01
CA ARG B 93 9.83 53.64 -11.78
C ARG B 93 10.02 52.29 -11.10
N TYR B 94 9.34 52.06 -9.99
CA TYR B 94 9.53 50.81 -9.24
C TYR B 94 8.42 49.79 -9.12
N ALA B 95 8.84 48.54 -8.92
CA ALA B 95 7.95 47.41 -8.75
C ALA B 95 8.67 46.38 -7.89
N PHE B 96 8.02 45.95 -6.81
CA PHE B 96 8.60 44.94 -5.92
C PHE B 96 7.53 43.91 -5.62
N GLY B 97 7.92 42.66 -5.51
CA GLY B 97 6.94 41.63 -5.23
C GLY B 97 7.49 40.30 -4.75
N ALA B 98 6.61 39.53 -4.12
CA ALA B 98 6.96 38.22 -3.61
C ALA B 98 5.76 37.34 -3.82
N GLY B 99 5.99 36.05 -3.98
CA GLY B 99 4.88 35.15 -4.19
C GLY B 99 5.23 33.71 -3.84
N ILE B 100 4.22 32.86 -3.94
CA ILE B 100 4.37 31.44 -3.67
C ILE B 100 3.64 30.73 -4.79
N PHE B 101 4.40 30.20 -5.74
CA PHE B 101 3.83 29.50 -6.88
C PHE B 101 4.23 28.04 -6.86
N ALA B 102 3.25 27.15 -6.95
CA ALA B 102 3.50 25.72 -6.91
C ALA B 102 3.44 25.02 -8.26
N GLU B 103 4.52 25.10 -9.02
CA GLU B 103 4.57 24.44 -10.32
C GLU B 103 4.70 22.93 -10.09
N GLY B 104 4.94 22.18 -11.15
CA GLY B 104 5.07 20.74 -11.01
C GLY B 104 3.78 20.09 -10.55
N GLY B 105 3.38 19.04 -11.25
CA GLY B 105 2.15 18.34 -10.91
C GLY B 105 2.06 17.04 -11.68
N LEU B 106 3.20 16.59 -12.18
CA LEU B 106 3.26 15.35 -12.94
C LEU B 106 3.25 14.11 -12.06
N GLY B 107 2.07 13.75 -11.59
CA GLY B 107 1.92 12.59 -10.74
C GLY B 107 1.15 11.49 -11.44
N THR B 108 1.38 10.25 -11.03
CA THR B 108 0.69 9.11 -11.61
C THR B 108 0.38 8.11 -10.52
N GLN B 109 -0.72 7.39 -10.67
CA GLN B 109 -1.07 6.40 -9.69
C GLN B 109 -1.83 5.26 -10.34
N TYR B 110 -1.07 4.31 -10.86
CA TYR B 110 -1.63 3.14 -11.49
C TYR B 110 -2.08 2.23 -10.36
N GLY B 111 -2.73 1.13 -10.71
CA GLY B 111 -3.19 0.21 -9.69
C GLY B 111 -2.06 -0.65 -9.17
N GLY B 112 -2.39 -1.90 -8.89
CA GLY B 112 -1.42 -2.85 -8.41
C GLY B 112 -1.68 -4.16 -9.12
N SER B 113 -2.87 -4.23 -9.69
CA SER B 113 -3.37 -5.41 -10.40
C SER B 113 -3.01 -5.50 -11.88
N SER B 114 -2.16 -4.60 -12.37
CA SER B 114 -1.81 -4.60 -13.79
C SER B 114 -0.35 -4.97 -14.01
N PHE B 115 0.11 -4.85 -15.25
CA PHE B 115 1.50 -5.11 -15.52
C PHE B 115 2.22 -3.80 -15.17
N LEU B 116 3.54 -3.85 -15.09
CA LEU B 116 4.43 -2.79 -14.65
C LEU B 116 4.43 -3.29 -13.24
N SER B 117 3.51 -4.22 -13.01
CA SER B 117 3.45 -4.93 -11.75
C SER B 117 4.04 -6.24 -12.25
N ARG B 118 3.43 -6.85 -13.28
CA ARG B 118 3.98 -8.09 -13.84
C ARG B 118 5.47 -7.79 -14.15
N THR B 119 6.36 -8.61 -13.60
CA THR B 119 7.79 -8.43 -13.75
C THR B 119 8.45 -9.25 -14.87
N SER B 120 9.72 -8.95 -15.10
CA SER B 120 10.51 -9.62 -16.13
C SER B 120 10.67 -11.10 -15.85
N ASN B 121 9.56 -11.83 -16.02
CA ASN B 121 9.48 -13.28 -15.82
C ASN B 121 8.02 -13.66 -15.60
N GLY B 122 7.33 -12.95 -14.72
CA GLY B 122 5.93 -13.27 -14.49
C GLY B 122 5.37 -13.04 -13.10
N VAL B 123 6.21 -12.68 -12.11
CA VAL B 123 5.66 -12.48 -10.77
C VAL B 123 4.92 -11.16 -10.65
N ASP B 124 4.38 -10.89 -9.46
CA ASP B 124 3.58 -9.68 -9.26
C ASP B 124 3.67 -8.90 -7.96
N THR B 125 2.90 -7.83 -8.04
CA THR B 125 2.54 -6.82 -7.03
C THR B 125 3.46 -5.82 -6.28
N GLY B 126 3.46 -5.84 -4.94
CA GLY B 126 4.26 -4.85 -4.17
C GLY B 126 3.32 -3.75 -3.67
N LEU B 127 3.80 -2.52 -3.42
CA LEU B 127 2.90 -1.43 -2.96
C LEU B 127 2.47 -0.76 -4.25
N ASP B 128 3.23 -1.14 -5.27
CA ASP B 128 3.04 -0.75 -6.64
C ASP B 128 3.21 0.66 -7.15
N GLN B 129 3.18 0.74 -8.48
CA GLN B 129 3.38 1.92 -9.30
C GLN B 129 2.64 3.25 -9.14
N PHE B 130 3.40 4.27 -8.75
CA PHE B 130 2.92 5.64 -8.60
C PHE B 130 4.14 6.54 -8.78
N SER B 131 3.93 7.84 -8.68
CA SER B 131 5.01 8.80 -8.86
C SER B 131 4.45 10.21 -8.73
N ARG B 132 5.13 11.07 -7.99
CA ARG B 132 4.67 12.43 -7.80
C ARG B 132 5.81 13.45 -7.64
N LEU B 133 5.78 14.50 -8.46
CA LEU B 133 6.78 15.56 -8.38
C LEU B 133 6.09 16.89 -8.11
N LEU B 134 6.46 17.51 -7.00
CA LEU B 134 5.89 18.79 -6.58
C LEU B 134 7.01 19.81 -6.39
N VAL B 135 6.86 20.99 -6.99
CA VAL B 135 7.88 22.03 -6.86
C VAL B 135 7.32 23.38 -6.47
N LEU B 136 7.75 23.89 -5.32
CA LEU B 136 7.32 25.19 -4.83
C LEU B 136 8.40 26.23 -5.11
N ARG B 137 7.98 27.40 -5.56
CA ARG B 137 8.94 28.46 -5.83
C ARG B 137 8.49 29.76 -5.19
N VAL B 138 9.33 30.29 -4.32
CA VAL B 138 9.04 31.54 -3.62
C VAL B 138 9.93 32.61 -4.21
N PRO B 139 9.44 33.33 -5.22
CA PRO B 139 10.28 34.38 -5.80
C PRO B 139 10.14 35.72 -5.11
N PHE B 140 11.24 36.45 -5.06
CA PHE B 140 11.28 37.79 -4.51
C PHE B 140 11.84 38.55 -5.70
N SER B 141 11.06 39.46 -6.25
CA SER B 141 11.50 40.20 -7.42
C SER B 141 11.30 41.70 -7.41
N ALA B 142 11.96 42.36 -8.35
CA ALA B 142 11.89 43.79 -8.51
C ALA B 142 11.94 44.11 -10.00
N ALA B 143 11.31 45.22 -10.37
CA ALA B 143 11.28 45.65 -11.77
C ALA B 143 11.49 47.17 -11.75
N TYR B 144 12.33 47.66 -12.66
CA TYR B 144 12.64 49.09 -12.69
C TYR B 144 12.65 49.73 -14.09
N HIS B 145 11.90 50.81 -14.24
CA HIS B 145 11.87 51.54 -15.52
C HIS B 145 13.22 52.24 -15.63
N VAL B 146 14.18 51.66 -16.34
CA VAL B 146 15.48 52.30 -16.46
C VAL B 146 15.35 53.42 -17.49
N THR B 147 14.23 53.42 -18.20
CA THR B 147 13.96 54.42 -19.22
C THR B 147 12.44 54.44 -19.48
N ASP B 148 12.00 55.39 -20.29
CA ASP B 148 10.59 55.49 -20.63
C ASP B 148 10.24 54.38 -21.61
N LYS B 149 11.27 53.67 -22.08
CA LYS B 149 11.06 52.58 -23.02
C LYS B 149 11.81 51.30 -22.66
N LEU B 150 12.67 51.37 -21.65
CA LEU B 150 13.42 50.20 -21.22
C LEU B 150 13.13 49.88 -19.77
N THR B 151 12.74 48.63 -19.52
CA THR B 151 12.44 48.17 -18.18
C THR B 151 13.13 46.85 -17.94
N VAL B 152 13.91 46.75 -16.88
CA VAL B 152 14.57 45.49 -16.55
C VAL B 152 13.97 44.98 -15.26
N GLY B 153 14.04 43.67 -15.06
CA GLY B 153 13.50 43.07 -13.86
C GLY B 153 14.26 41.81 -13.54
N ALA B 154 14.08 41.32 -12.32
CA ALA B 154 14.77 40.10 -11.90
C ALA B 154 14.07 39.52 -10.70
N SER B 155 14.34 38.26 -10.42
CA SER B 155 13.74 37.61 -9.27
C SER B 155 14.55 36.40 -8.85
N VAL B 156 14.71 36.27 -7.55
CA VAL B 156 15.45 35.16 -6.97
C VAL B 156 14.42 34.39 -6.17
N ASP B 157 14.35 33.07 -6.35
CA ASP B 157 13.39 32.30 -5.59
C ASP B 157 13.99 31.19 -4.75
N ALA B 158 13.29 30.90 -3.67
CA ALA B 158 13.66 29.83 -2.76
C ALA B 158 12.80 28.74 -3.37
N VAL B 159 13.34 27.52 -3.51
CA VAL B 159 12.53 26.48 -4.12
C VAL B 159 12.44 25.20 -3.31
N TRP B 160 11.24 24.65 -3.26
CA TRP B 160 10.98 23.41 -2.55
C TRP B 160 10.62 22.38 -3.60
N THR B 161 11.46 21.36 -3.73
CA THR B 161 11.24 20.30 -4.69
C THR B 161 10.95 19.02 -3.90
N SER B 162 9.84 18.38 -4.22
CA SER B 162 9.45 17.17 -3.52
C SER B 162 8.85 16.11 -4.45
N LEU B 163 9.56 15.00 -4.60
CA LEU B 163 9.06 13.92 -5.44
C LEU B 163 9.13 12.60 -4.68
N ASN B 164 8.64 11.54 -5.33
CA ASN B 164 8.66 10.21 -4.74
C ASN B 164 7.83 9.27 -5.60
N LEU B 165 8.46 8.21 -6.09
CA LEU B 165 7.73 7.25 -6.91
C LEU B 165 7.63 5.91 -6.22
N GLY B 166 7.13 4.95 -6.98
CA GLY B 166 6.97 3.58 -6.53
C GLY B 166 7.08 2.84 -7.85
N THR B 167 8.21 2.18 -8.08
CA THR B 167 8.40 1.49 -9.34
C THR B 167 9.33 0.30 -9.25
N LEU B 168 9.27 -0.57 -10.26
CA LEU B 168 10.13 -1.74 -10.32
C LEU B 168 11.25 -1.44 -11.30
N LEU B 169 12.42 -2.02 -11.05
CA LEU B 169 13.55 -1.84 -11.95
C LEU B 169 14.13 -3.21 -12.25
N ASP B 170 13.73 -3.78 -13.38
CA ASP B 170 14.23 -5.09 -13.75
C ASP B 170 15.54 -4.99 -14.50
N VAL B 171 15.49 -4.54 -15.76
CA VAL B 171 16.69 -4.44 -16.55
C VAL B 171 17.39 -5.79 -16.38
N SER B 172 16.59 -6.78 -16.00
CA SER B 172 17.12 -8.11 -15.74
C SER B 172 18.00 -8.00 -14.52
N GLN B 173 19.30 -8.10 -14.74
CA GLN B 173 20.27 -7.98 -13.67
C GLN B 173 21.33 -7.03 -14.17
N ILE B 174 22.56 -7.52 -14.26
CA ILE B 174 23.65 -6.70 -14.75
C ILE B 174 24.00 -5.44 -13.98
N GLY B 175 22.99 -4.65 -13.63
CA GLY B 175 23.25 -3.42 -12.90
C GLY B 175 24.10 -2.50 -13.76
N THR B 176 23.52 -2.04 -14.87
CA THR B 176 24.23 -1.18 -15.78
C THR B 176 24.64 -1.99 -16.99
N LEU B 177 23.75 -2.89 -17.40
CA LEU B 177 24.03 -3.75 -18.53
C LEU B 177 24.95 -4.88 -18.09
N ALA B 178 25.98 -4.51 -17.35
CA ALA B 178 26.93 -5.47 -16.85
C ALA B 178 28.01 -4.77 -16.05
N GLY B 179 29.26 -4.92 -16.48
CA GLY B 179 30.37 -4.28 -15.79
C GLY B 179 30.51 -2.83 -16.17
N GLN B 180 29.40 -2.19 -16.52
CA GLN B 180 29.42 -0.79 -16.90
C GLN B 180 30.22 0.07 -15.94
N GLY B 181 29.74 0.18 -14.70
CA GLY B 181 30.43 0.97 -13.70
C GLY B 181 29.48 1.78 -12.83
N ARG B 182 28.24 1.93 -13.28
CA ARG B 182 27.26 2.70 -12.53
C ARG B 182 26.81 2.08 -11.23
N VAL B 183 25.85 1.15 -11.31
CA VAL B 183 25.34 0.50 -10.12
C VAL B 183 26.36 -0.30 -9.35
N SER B 184 26.26 -0.29 -8.04
CA SER B 184 27.19 -1.03 -7.20
C SER B 184 27.43 -0.40 -5.84
N GLY B 185 26.96 -1.06 -4.79
CA GLY B 185 27.12 -0.54 -3.44
C GLY B 185 27.41 -1.63 -2.41
N THR B 186 27.97 -1.23 -1.27
CA THR B 186 28.30 -2.16 -0.21
C THR B 186 27.09 -2.72 0.51
N LEU B 187 26.10 -3.13 -0.27
CA LEU B 187 24.88 -3.69 0.25
C LEU B 187 24.24 -4.38 -0.94
N VAL B 188 24.96 -4.34 -2.05
CA VAL B 188 24.50 -4.97 -3.27
C VAL B 188 24.70 -6.47 -3.13
N PRO B 189 24.76 -6.91 -1.87
CA PRO B 189 24.93 -8.32 -1.59
C PRO B 189 23.59 -9.03 -1.69
N THR B 190 22.57 -8.45 -1.07
CA THR B 190 21.24 -9.04 -1.16
C THR B 190 20.93 -9.17 -2.62
N LEU B 191 21.42 -8.18 -3.38
CA LEU B 191 21.24 -8.21 -4.82
C LEU B 191 22.16 -9.31 -5.32
N LEU B 192 21.70 -10.07 -6.29
CA LEU B 192 22.51 -11.17 -6.79
C LEU B 192 22.19 -12.36 -5.91
N GLY B 193 22.25 -12.13 -4.59
CA GLY B 193 21.94 -13.20 -3.65
C GLY B 193 20.44 -13.42 -3.56
N VAL B 194 19.86 -13.12 -2.41
CA VAL B 194 18.42 -13.27 -2.23
C VAL B 194 17.80 -14.52 -2.82
N PRO B 195 17.43 -14.44 -4.10
CA PRO B 195 16.81 -15.58 -4.76
C PRO B 195 15.39 -15.30 -5.22
N GLY B 196 15.24 -14.31 -6.10
CA GLY B 196 13.94 -13.94 -6.62
C GLY B 196 14.02 -13.85 -8.13
N LEU B 197 14.94 -12.98 -8.60
CA LEU B 197 15.23 -12.77 -10.01
C LEU B 197 14.71 -11.53 -10.75
N SER B 198 13.77 -10.78 -10.18
CA SER B 198 13.27 -9.59 -10.88
C SER B 198 12.23 -8.78 -10.13
N GLY B 199 12.63 -7.62 -9.62
CA GLY B 199 11.67 -6.79 -8.91
C GLY B 199 12.20 -5.80 -7.91
N GLY B 200 13.03 -4.86 -8.36
CA GLY B 200 13.53 -3.86 -7.46
C GLY B 200 12.44 -2.82 -7.27
N TYR B 201 11.91 -2.71 -6.07
CA TYR B 201 10.85 -1.74 -5.80
C TYR B 201 11.30 -0.72 -4.79
N ILE B 202 11.58 0.50 -5.24
CA ILE B 202 11.99 1.54 -4.32
C ILE B 202 10.72 2.30 -3.97
N ASP B 203 10.68 2.88 -2.78
CA ASP B 203 9.51 3.61 -2.36
C ASP B 203 9.84 4.89 -1.60
N PHE B 204 10.22 5.93 -2.33
CA PHE B 204 10.53 7.21 -1.70
C PHE B 204 9.25 7.58 -0.94
N SER B 205 9.33 7.60 0.38
CA SER B 205 8.18 7.93 1.21
C SER B 205 8.48 7.69 2.68
N GLY B 213 8.81 10.38 -0.58
CA GLY B 213 9.22 11.45 0.31
C GLY B 213 10.70 11.72 0.26
N VAL B 214 11.07 12.77 -0.45
CA VAL B 214 12.46 13.20 -0.60
C VAL B 214 12.46 14.61 -1.15
N GLN B 215 12.46 15.58 -0.25
CA GLN B 215 12.46 16.97 -0.68
C GLN B 215 13.85 17.57 -0.67
N ALA B 216 13.92 18.87 -0.90
CA ALA B 216 15.19 19.58 -0.92
C ALA B 216 14.95 21.05 -1.17
N TRP B 217 15.64 21.90 -0.43
CA TRP B 217 15.52 23.33 -0.61
C TRP B 217 16.61 23.79 -1.54
N GLY B 218 16.21 24.50 -2.60
CA GLY B 218 17.19 24.99 -3.55
C GLY B 218 17.01 26.46 -3.83
N ILE B 219 17.81 26.98 -4.75
CA ILE B 219 17.73 28.38 -5.11
C ILE B 219 17.71 28.55 -6.62
N GLY B 220 16.84 29.42 -7.08
CA GLY B 220 16.73 29.69 -8.50
C GLY B 220 16.58 31.18 -8.73
N GLY B 221 16.35 31.58 -9.97
CA GLY B 221 16.20 32.99 -10.25
C GLY B 221 16.06 33.29 -11.72
N ARG B 222 15.85 34.57 -12.03
CA ARG B 222 15.71 34.98 -13.42
C ARG B 222 15.70 36.49 -13.57
N LEU B 223 16.02 36.95 -14.78
CA LEU B 223 16.00 38.36 -15.08
C LEU B 223 15.66 38.53 -16.55
N GLY B 224 15.02 39.66 -16.87
CA GLY B 224 14.64 39.91 -18.25
C GLY B 224 14.38 41.38 -18.45
N LEU B 225 14.05 41.74 -19.68
CA LEU B 225 13.78 43.13 -20.00
C LEU B 225 12.66 43.24 -21.01
N THR B 226 12.13 44.45 -21.13
CA THR B 226 11.06 44.73 -22.08
C THR B 226 11.48 46.05 -22.71
N TYR B 227 11.23 46.18 -24.01
CA TYR B 227 11.58 47.42 -24.68
C TYR B 227 10.42 47.88 -25.56
N GLN B 228 9.85 49.03 -25.21
CA GLN B 228 8.73 49.59 -25.96
C GLN B 228 9.14 50.07 -27.34
N VAL B 229 9.17 49.14 -28.30
CA VAL B 229 9.55 49.49 -29.67
C VAL B 229 8.65 50.62 -30.15
N THR B 230 7.37 50.52 -29.84
CA THR B 230 6.40 51.53 -30.24
C THR B 230 5.29 51.58 -29.19
N PRO B 231 4.46 52.61 -29.23
CA PRO B 231 3.38 52.69 -28.24
C PRO B 231 2.49 51.46 -28.28
N ASP B 232 2.48 50.78 -29.43
CA ASP B 232 1.64 49.59 -29.62
C ASP B 232 2.38 48.27 -29.73
N THR B 233 3.70 48.30 -29.77
CA THR B 233 4.46 47.08 -29.86
C THR B 233 5.55 47.02 -28.81
N ARG B 234 5.58 45.92 -28.08
CA ARG B 234 6.57 45.72 -27.04
C ARG B 234 7.28 44.42 -27.34
N ILE B 235 8.53 44.34 -26.93
CA ILE B 235 9.30 43.13 -27.13
C ILE B 235 9.92 42.86 -25.78
N GLY B 236 10.43 41.66 -25.59
CA GLY B 236 11.04 41.33 -24.33
C GLY B 236 11.77 40.03 -24.41
N ALA B 237 12.55 39.76 -23.38
CA ALA B 237 13.31 38.54 -23.29
C ALA B 237 13.51 38.29 -21.82
N ALA B 238 13.61 37.02 -21.46
CA ALA B 238 13.81 36.65 -20.07
C ALA B 238 14.75 35.48 -20.04
N TYR B 239 15.58 35.41 -19.02
CA TYR B 239 16.51 34.32 -18.88
C TYR B 239 16.36 33.69 -17.50
N GLN B 240 16.08 32.39 -17.48
CA GLN B 240 15.92 31.66 -16.25
C GLN B 240 17.17 30.85 -15.95
N ALA B 241 17.90 31.25 -14.92
CA ALA B 241 19.11 30.55 -14.54
C ALA B 241 18.79 29.08 -14.35
N LYS B 242 19.83 28.27 -14.30
CA LYS B 242 19.69 26.84 -14.10
C LYS B 242 19.35 26.73 -12.62
N THR B 243 18.21 26.13 -12.29
CA THR B 243 17.85 26.01 -10.87
C THR B 243 18.97 25.26 -10.15
N HIS B 244 19.07 25.49 -8.86
CA HIS B 244 20.10 24.89 -8.02
C HIS B 244 19.35 24.24 -6.85
N VAL B 245 18.87 23.02 -7.04
CA VAL B 245 18.08 22.33 -6.04
C VAL B 245 18.78 21.62 -4.87
N GLY B 246 20.05 21.29 -5.03
CA GLY B 246 20.74 20.60 -3.95
C GLY B 246 20.28 19.16 -3.89
N ASP B 247 20.62 18.47 -2.80
CA ASP B 247 20.28 17.07 -2.63
C ASP B 247 18.87 16.76 -2.13
N LEU B 248 18.25 15.75 -2.75
CA LEU B 248 16.91 15.30 -2.38
C LEU B 248 17.03 14.14 -1.40
N THR B 249 16.88 14.44 -0.10
CA THR B 249 16.98 13.43 0.93
C THR B 249 15.62 12.92 1.40
N GLY B 250 15.54 11.65 1.75
CA GLY B 250 14.28 11.09 2.20
C GLY B 250 14.38 9.63 2.63
N GLN B 251 13.57 9.27 3.62
CA GLN B 251 13.55 7.91 4.14
C GLN B 251 12.69 7.03 3.23
N ALA B 252 13.32 6.04 2.59
CA ALA B 252 12.61 5.15 1.69
C ALA B 252 12.65 3.71 2.18
N THR B 253 12.11 2.80 1.39
CA THR B 253 12.07 1.39 1.72
C THR B 253 12.16 0.53 0.47
N LEU B 254 13.38 0.17 0.07
CA LEU B 254 13.58 -0.65 -1.12
C LEU B 254 13.17 -2.09 -0.85
N SER B 255 12.90 -2.82 -1.92
CA SER B 255 12.50 -4.21 -1.81
C SER B 255 12.51 -4.87 -3.19
N ALA B 256 13.27 -5.94 -3.33
CA ALA B 256 13.38 -6.65 -4.60
C ALA B 256 12.53 -7.92 -4.65
N VAL B 257 12.64 -8.64 -5.76
CA VAL B 257 11.89 -9.87 -5.95
C VAL B 257 12.75 -10.94 -6.63
N GLY B 262 9.61 -14.95 -5.30
CA GLY B 262 9.23 -14.41 -4.01
C GLY B 262 9.32 -12.88 -3.97
N ASN B 263 9.48 -12.34 -2.78
CA ASN B 263 9.60 -10.89 -2.60
C ASN B 263 10.58 -10.56 -1.49
N ILE B 264 11.24 -9.41 -1.58
CA ILE B 264 12.24 -9.00 -0.60
C ILE B 264 12.03 -7.60 -0.07
N PRO B 265 11.83 -7.43 1.26
CA PRO B 265 11.62 -6.11 1.85
C PRO B 265 12.90 -5.53 2.47
N LEU B 266 13.02 -4.20 2.44
CA LEU B 266 14.19 -3.50 3.00
C LEU B 266 13.79 -2.09 3.45
N LYS B 267 14.65 -1.43 4.22
CA LYS B 267 14.35 -0.09 4.70
C LYS B 267 15.59 0.78 4.94
N GLY B 268 15.42 2.09 4.74
CA GLY B 268 16.52 3.04 4.94
C GLY B 268 16.29 4.32 4.14
N ASP B 269 16.94 5.41 4.54
CA ASP B 269 16.78 6.70 3.85
C ASP B 269 17.71 6.87 2.65
N VAL B 270 17.15 7.41 1.57
CA VAL B 270 17.88 7.64 0.31
C VAL B 270 18.23 9.10 0.01
N THR B 271 19.28 9.28 -0.79
CA THR B 271 19.74 10.61 -1.18
C THR B 271 19.91 10.70 -2.70
N VAL B 272 19.40 11.77 -3.29
CA VAL B 272 19.51 11.98 -4.74
C VAL B 272 20.33 13.23 -5.03
N ARG B 273 21.38 13.07 -5.83
CA ARG B 273 22.27 14.18 -6.16
C ARG B 273 22.25 14.47 -7.66
N ASN B 274 22.26 15.76 -7.99
CA ASN B 274 22.27 16.24 -9.38
C ASN B 274 20.93 16.26 -10.11
N PHE B 275 19.83 16.35 -9.35
CA PHE B 275 18.52 16.45 -9.99
C PHE B 275 18.46 17.93 -10.37
N GLN B 276 18.87 18.24 -11.59
CA GLN B 276 18.90 19.61 -12.06
C GLN B 276 17.69 20.01 -12.90
N MET B 277 17.45 21.32 -12.93
CA MET B 277 16.37 21.89 -13.73
C MET B 277 17.11 22.83 -14.67
N PRO B 278 16.96 22.62 -15.99
CA PRO B 278 17.61 23.39 -17.05
C PRO B 278 17.38 24.90 -17.09
N ALA B 279 18.36 25.61 -17.62
CA ALA B 279 18.27 27.06 -17.76
C ALA B 279 17.23 27.27 -18.85
N GLN B 280 16.78 28.50 -19.03
CA GLN B 280 15.75 28.75 -20.02
C GLN B 280 15.84 30.15 -20.63
N LEU B 281 15.67 30.22 -21.96
CA LEU B 281 15.71 31.51 -22.64
C LEU B 281 14.39 31.75 -23.34
N THR B 282 13.85 32.94 -23.17
CA THR B 282 12.57 33.29 -23.77
C THR B 282 12.54 34.70 -24.34
N VAL B 283 12.09 34.81 -25.59
CA VAL B 283 11.95 36.09 -26.26
C VAL B 283 10.55 36.11 -26.84
N GLY B 284 9.88 37.26 -26.76
CA GLY B 284 8.53 37.35 -27.29
C GLY B 284 8.11 38.74 -27.73
N ILE B 285 6.97 38.82 -28.41
CA ILE B 285 6.44 40.07 -28.92
C ILE B 285 4.96 40.19 -28.57
N SER B 286 4.50 41.43 -28.42
CA SER B 286 3.11 41.72 -28.11
C SER B 286 2.73 42.96 -28.92
N HIS B 287 1.50 42.99 -29.41
CA HIS B 287 1.06 44.13 -30.19
C HIS B 287 -0.42 44.41 -29.93
N GLN B 288 -0.77 45.69 -29.82
CA GLN B 288 -2.16 46.04 -29.62
C GLN B 288 -2.69 46.53 -30.96
N PHE B 289 -3.73 45.87 -31.46
CA PHE B 289 -4.33 46.21 -32.75
C PHE B 289 -5.46 47.21 -32.59
N ASN B 290 -5.78 47.53 -31.34
CA ASN B 290 -6.82 48.50 -31.00
C ASN B 290 -7.20 48.28 -29.54
N ASP B 291 -8.12 49.08 -29.03
CA ASP B 291 -8.53 48.99 -27.64
C ASP B 291 -9.27 47.71 -27.26
N GLN B 292 -9.28 46.73 -28.15
CA GLN B 292 -9.98 45.48 -27.86
C GLN B 292 -9.13 44.24 -28.02
N LEU B 293 -8.33 44.20 -29.09
CA LEU B 293 -7.51 43.04 -29.35
C LEU B 293 -6.01 43.26 -29.25
N SER B 294 -5.34 42.28 -28.64
CA SER B 294 -3.89 42.31 -28.51
C SER B 294 -3.43 40.88 -28.75
N VAL B 295 -2.24 40.73 -29.29
CA VAL B 295 -1.71 39.40 -29.58
C VAL B 295 -0.27 39.28 -29.12
N SER B 296 0.07 38.11 -28.60
CA SER B 296 1.42 37.84 -28.13
C SER B 296 1.96 36.59 -28.81
N ALA B 297 3.27 36.49 -28.86
CA ALA B 297 3.95 35.36 -29.46
C ALA B 297 5.29 35.27 -28.77
N ASP B 298 5.64 34.10 -28.28
CA ASP B 298 6.90 33.91 -27.57
C ASP B 298 7.65 32.70 -28.09
N TYR B 299 8.97 32.76 -28.00
CA TYR B 299 9.80 31.64 -28.40
C TYR B 299 10.56 31.25 -27.15
N GLN B 300 10.55 29.97 -26.84
CA GLN B 300 11.22 29.51 -25.64
C GLN B 300 12.14 28.33 -25.91
N ARG B 301 13.30 28.36 -25.26
CA ARG B 301 14.29 27.31 -25.40
C ARG B 301 14.64 26.81 -24.00
N VAL B 302 14.51 25.51 -23.80
CA VAL B 302 14.82 24.89 -22.52
C VAL B 302 16.06 24.01 -22.69
N PHE B 303 17.20 24.55 -22.27
CA PHE B 303 18.48 23.86 -22.40
C PHE B 303 18.70 22.59 -21.58
N TRP B 304 17.94 21.55 -21.89
CA TRP B 304 18.08 20.27 -21.22
C TRP B 304 19.39 19.63 -21.64
N SER B 305 20.09 20.28 -22.56
CA SER B 305 21.37 19.77 -23.05
C SER B 305 22.47 20.02 -22.04
N SER B 306 22.27 21.01 -21.17
CA SER B 306 23.25 21.36 -20.16
C SER B 306 23.13 20.53 -18.88
N VAL B 307 22.19 19.59 -18.85
CA VAL B 307 22.04 18.73 -17.68
C VAL B 307 22.78 17.44 -18.03
N MET B 308 24.07 17.58 -18.29
CA MET B 308 24.94 16.46 -18.64
C MET B 308 25.85 16.09 -17.48
N LYS B 309 25.25 15.53 -16.44
CA LYS B 309 25.97 15.11 -15.25
C LYS B 309 25.35 13.78 -14.84
N ASP B 310 25.87 13.18 -13.77
CA ASP B 310 25.32 11.91 -13.32
C ASP B 310 24.33 12.12 -12.19
N MET B 311 23.22 11.41 -12.26
CA MET B 311 22.20 11.49 -11.23
C MET B 311 22.24 10.14 -10.54
N ASN B 312 22.81 10.09 -9.34
CA ASN B 312 22.91 8.85 -8.59
C ASN B 312 21.96 8.77 -7.42
N VAL B 313 21.44 7.57 -7.17
CA VAL B 313 20.50 7.33 -6.09
C VAL B 313 21.19 6.51 -5.00
N GLY B 314 21.42 7.14 -3.85
CA GLY B 314 22.09 6.48 -2.75
C GLY B 314 21.16 5.77 -1.78
N PHE B 315 21.68 4.74 -1.10
CA PHE B 315 20.88 3.97 -0.16
C PHE B 315 21.63 3.63 1.13
N VAL B 316 21.31 4.34 2.21
CA VAL B 316 21.90 4.09 3.53
C VAL B 316 20.74 3.47 4.30
N GLN B 317 21.00 2.72 5.37
CA GLN B 317 19.88 2.05 6.02
C GLN B 317 19.49 2.19 7.50
N SER B 318 20.43 2.12 8.43
CA SER B 318 20.04 2.19 9.84
C SER B 318 20.99 3.07 10.65
N GLY B 319 22.04 2.43 11.14
CA GLY B 319 23.09 3.07 11.90
C GLY B 319 24.26 2.41 11.20
N SER B 320 23.88 1.40 10.43
CA SER B 320 24.77 0.58 9.64
C SER B 320 25.10 1.35 8.36
N ALA B 321 26.10 0.86 7.63
CA ALA B 321 26.51 1.53 6.40
C ALA B 321 26.29 0.65 5.16
N ALA B 322 25.16 -0.04 5.12
CA ALA B 322 24.83 -0.88 3.97
C ALA B 322 24.59 0.10 2.81
N ASN B 323 25.30 -0.09 1.71
CA ASN B 323 25.15 0.81 0.56
C ASN B 323 24.53 0.15 -0.67
N LEU B 324 24.28 1.00 -1.67
CA LEU B 324 23.70 0.57 -2.95
C LEU B 324 23.53 1.79 -3.84
N ASP B 325 24.60 2.19 -4.51
CA ASP B 325 24.56 3.33 -5.40
C ASP B 325 24.15 2.93 -6.80
N LEU B 326 23.57 3.88 -7.53
CA LEU B 326 23.11 3.65 -8.88
C LEU B 326 23.15 4.97 -9.63
N SER B 327 24.05 5.08 -10.62
CA SER B 327 24.16 6.30 -11.40
C SER B 327 23.28 6.22 -12.64
N LEU B 328 22.51 7.28 -12.86
CA LEU B 328 21.63 7.35 -14.02
C LEU B 328 22.19 8.37 -15.01
N PRO B 329 22.51 7.92 -16.22
CA PRO B 329 23.05 8.78 -17.28
C PRO B 329 22.05 9.83 -17.72
N GLN B 330 22.50 11.07 -17.86
CA GLN B 330 21.63 12.14 -18.30
C GLN B 330 22.09 12.81 -19.58
N ASN B 331 21.48 12.43 -20.69
CA ASN B 331 21.80 13.00 -21.98
C ASN B 331 20.52 13.33 -22.73
N TYR B 332 20.09 14.58 -22.65
CA TYR B 332 18.87 15.01 -23.31
C TYR B 332 19.24 16.03 -24.38
N ARG B 333 18.23 16.68 -24.94
CA ARG B 333 18.44 17.69 -25.96
C ARG B 333 17.52 18.87 -25.67
N ASP B 334 17.96 20.07 -26.05
CA ASP B 334 17.17 21.26 -25.81
C ASP B 334 15.77 21.12 -26.39
N ILE B 335 14.80 21.67 -25.66
CA ILE B 335 13.42 21.64 -26.09
C ILE B 335 12.99 23.05 -26.46
N SER B 336 12.33 23.18 -27.61
CA SER B 336 11.85 24.48 -28.06
C SER B 336 10.33 24.48 -28.08
N VAL B 337 9.75 25.55 -27.55
CA VAL B 337 8.32 25.69 -27.54
C VAL B 337 7.99 27.07 -28.07
N PHE B 338 6.93 27.13 -28.88
CA PHE B 338 6.47 28.38 -29.45
C PHE B 338 5.06 28.57 -28.93
N GLY B 339 4.71 29.81 -28.62
CA GLY B 339 3.38 30.06 -28.11
C GLY B 339 2.75 31.28 -28.73
N ILE B 340 1.42 31.31 -28.73
CA ILE B 340 0.69 32.43 -29.29
C ILE B 340 -0.65 32.54 -28.59
N GLY B 341 -1.03 33.76 -28.27
CA GLY B 341 -2.31 33.98 -27.61
C GLY B 341 -2.88 35.34 -27.94
N ALA B 342 -4.13 35.56 -27.59
CA ALA B 342 -4.80 36.82 -27.84
C ALA B 342 -5.63 37.18 -26.62
N GLU B 343 -5.77 38.48 -26.38
CA GLU B 343 -6.59 38.95 -25.28
C GLU B 343 -7.61 39.88 -25.88
N TYR B 344 -8.88 39.50 -25.78
CA TYR B 344 -9.94 40.31 -26.34
C TYR B 344 -10.77 41.01 -25.29
N ARG B 345 -10.65 42.33 -25.22
CA ARG B 345 -11.42 43.11 -24.26
C ARG B 345 -12.82 43.26 -24.80
N TYR B 346 -13.68 42.29 -24.52
CA TYR B 346 -15.06 42.31 -25.00
C TYR B 346 -15.76 43.61 -24.60
N ASN B 347 -15.52 44.02 -23.36
CA ASN B 347 -16.09 45.27 -22.85
C ASN B 347 -15.47 45.60 -21.50
N ALA B 348 -15.92 46.68 -20.88
CA ALA B 348 -15.38 47.13 -19.59
C ALA B 348 -15.15 46.06 -18.51
N LYS B 349 -15.95 45.00 -18.48
CA LYS B 349 -15.74 44.00 -17.43
C LYS B 349 -15.54 42.54 -17.83
N TRP B 350 -15.59 42.23 -19.12
CA TRP B 350 -15.37 40.87 -19.57
C TRP B 350 -14.22 40.84 -20.56
N THR B 351 -13.22 40.01 -20.28
CA THR B 351 -12.08 39.87 -21.17
C THR B 351 -11.94 38.40 -21.54
N PHE B 352 -11.77 38.14 -22.83
CA PHE B 352 -11.64 36.76 -23.27
C PHE B 352 -10.26 36.52 -23.84
N ARG B 353 -9.70 35.37 -23.49
CA ARG B 353 -8.37 35.02 -23.96
C ARG B 353 -8.36 33.62 -24.52
N GLY B 354 -7.53 33.46 -25.55
CA GLY B 354 -7.39 32.18 -26.21
C GLY B 354 -6.00 32.15 -26.80
N GLY B 355 -5.47 30.94 -26.98
CA GLY B 355 -4.14 30.81 -27.53
C GLY B 355 -3.87 29.38 -27.90
N PHE B 356 -2.65 29.14 -28.36
CA PHE B 356 -2.20 27.82 -28.77
C PHE B 356 -0.76 27.71 -28.29
N HIS B 357 -0.37 26.51 -27.85
CA HIS B 357 0.98 26.28 -27.34
C HIS B 357 1.59 25.04 -28.01
N TYR B 358 2.77 25.21 -28.59
CA TYR B 358 3.44 24.12 -29.31
C TYR B 358 4.86 23.84 -28.82
N ALA B 359 5.12 22.59 -28.43
CA ALA B 359 6.45 22.20 -27.94
C ALA B 359 6.96 20.91 -28.60
N GLN B 360 8.24 20.91 -28.95
CA GLN B 360 8.87 19.75 -29.58
C GLN B 360 10.39 19.89 -29.65
N GLU B 361 10.99 19.12 -30.56
CA GLU B 361 12.44 19.13 -30.77
C GLU B 361 13.20 18.53 -29.59
N THR B 377 2.93 18.37 -26.06
CA THR B 377 3.61 19.02 -27.18
C THR B 377 2.66 19.95 -27.95
N THR B 378 1.39 19.96 -27.54
CA THR B 378 0.39 20.80 -28.18
C THR B 378 -0.83 20.93 -27.28
N SER B 379 -1.29 22.15 -27.09
CA SER B 379 -2.45 22.35 -26.24
C SER B 379 -3.23 23.60 -26.58
N LEU B 380 -4.56 23.48 -26.55
CA LEU B 380 -5.42 24.61 -26.81
C LEU B 380 -5.50 25.34 -25.50
N THR B 381 -5.68 26.64 -25.58
CA THR B 381 -5.69 27.47 -24.41
C THR B 381 -6.86 28.45 -24.42
N GLY B 382 -7.41 28.72 -23.24
CA GLY B 382 -8.53 29.63 -23.16
C GLY B 382 -8.70 30.18 -21.75
N GLY B 383 -9.34 31.34 -21.65
CA GLY B 383 -9.55 31.95 -20.35
C GLY B 383 -10.53 33.10 -20.41
N VAL B 384 -11.15 33.40 -19.27
CA VAL B 384 -12.10 34.49 -19.17
C VAL B 384 -11.90 35.23 -17.85
N SER B 385 -11.91 36.56 -17.94
CA SER B 385 -11.75 37.40 -16.75
C SER B 385 -13.01 38.24 -16.59
N TYR B 386 -13.45 38.38 -15.34
CA TYR B 386 -14.62 39.19 -15.07
C TYR B 386 -14.23 40.22 -14.03
N ALA B 387 -14.39 41.50 -14.38
CA ALA B 387 -14.06 42.57 -13.44
C ALA B 387 -15.24 42.86 -12.53
N ILE B 388 -15.17 42.38 -11.30
CA ILE B 388 -16.23 42.61 -10.32
C ILE B 388 -16.13 44.09 -9.91
N GLY B 389 -15.87 44.94 -10.90
CA GLY B 389 -15.70 46.35 -10.64
C GLY B 389 -14.21 46.58 -10.66
N LYS B 390 -13.78 47.83 -10.78
CA LYS B 390 -12.36 48.11 -10.80
C LYS B 390 -11.69 47.59 -9.53
N ASN B 391 -10.38 47.40 -9.59
CA ASN B 391 -9.61 46.93 -8.45
C ASN B 391 -9.95 45.49 -8.00
N ASP B 392 -10.92 44.87 -8.64
CA ASP B 392 -11.30 43.49 -8.29
C ASP B 392 -11.56 42.70 -9.56
N VAL B 393 -10.90 41.55 -9.70
CA VAL B 393 -11.03 40.73 -10.90
C VAL B 393 -10.84 39.24 -10.68
N ILE B 394 -11.79 38.42 -11.11
CA ILE B 394 -11.65 36.96 -11.01
C ILE B 394 -11.26 36.50 -12.40
N ASP B 395 -10.29 35.59 -12.47
CA ASP B 395 -9.85 35.10 -13.76
C ASP B 395 -9.76 33.59 -13.75
N PHE B 396 -10.26 32.97 -14.82
CA PHE B 396 -10.23 31.53 -14.97
C PHE B 396 -9.62 31.19 -16.31
N ALA B 397 -8.62 30.30 -16.30
CA ALA B 397 -7.95 29.90 -17.53
C ALA B 397 -7.77 28.39 -17.56
N LEU B 398 -7.64 27.85 -18.75
CA LEU B 398 -7.51 26.41 -18.88
C LEU B 398 -6.72 26.03 -20.12
N SER B 399 -5.86 25.02 -19.96
CA SER B 399 -5.06 24.53 -21.07
C SER B 399 -5.37 23.07 -21.34
N VAL B 400 -5.71 22.76 -22.58
CA VAL B 400 -6.01 21.38 -22.94
C VAL B 400 -4.99 20.83 -23.91
N ALA B 401 -4.31 19.77 -23.53
CA ALA B 401 -3.32 19.15 -24.39
C ALA B 401 -4.01 18.30 -25.44
N LEU B 402 -3.38 18.15 -26.60
CA LEU B 402 -3.92 17.32 -27.66
C LEU B 402 -3.41 15.91 -27.35
N ARG B 403 -4.08 14.90 -27.90
CA ARG B 403 -3.71 13.52 -27.65
C ARG B 403 -2.43 13.03 -28.34
N LYS B 404 -1.55 12.40 -27.56
CA LYS B 404 -0.30 11.85 -28.07
C LYS B 404 -0.31 10.33 -27.86
N THR B 405 0.17 9.60 -28.86
CA THR B 405 0.22 8.14 -28.76
C THR B 405 1.49 7.58 -29.37
N SER B 419 0.66 0.72 -25.74
CA SER B 419 1.22 2.04 -25.99
C SER B 419 0.99 2.98 -24.82
N VAL B 420 1.27 4.26 -25.04
CA VAL B 420 1.11 5.28 -24.01
C VAL B 420 0.38 6.49 -24.60
N THR B 421 -0.83 6.75 -24.11
CA THR B 421 -1.61 7.90 -24.58
C THR B 421 -2.09 8.66 -23.37
N HIS B 422 -1.93 9.98 -23.38
CA HIS B 422 -2.36 10.77 -22.24
C HIS B 422 -3.13 12.04 -22.59
N SER B 423 -4.06 12.37 -21.70
CA SER B 423 -4.88 13.58 -21.82
C SER B 423 -4.35 14.48 -20.73
N GLN B 424 -4.57 15.78 -20.85
CA GLN B 424 -4.06 16.71 -19.86
C GLN B 424 -4.86 18.00 -19.85
N VAL B 425 -5.21 18.46 -18.65
CA VAL B 425 -5.95 19.71 -18.50
C VAL B 425 -5.38 20.53 -17.35
N ASN B 426 -4.99 21.75 -17.66
CA ASN B 426 -4.42 22.67 -16.67
C ASN B 426 -5.35 23.84 -16.40
N ALA B 427 -6.10 23.75 -15.31
CA ALA B 427 -7.02 24.81 -14.93
C ALA B 427 -6.37 25.72 -13.90
N VAL B 428 -6.75 26.99 -13.94
CA VAL B 428 -6.20 27.98 -13.02
C VAL B 428 -7.25 29.05 -12.74
N ILE B 429 -7.44 29.38 -11.47
CA ILE B 429 -8.39 30.41 -11.11
C ILE B 429 -7.71 31.35 -10.13
N ALA B 430 -7.81 32.65 -10.40
CA ALA B 430 -7.18 33.63 -9.52
C ALA B 430 -8.07 34.82 -9.23
N TYR B 431 -7.88 35.37 -8.04
CA TYR B 431 -8.62 36.54 -7.59
C TYR B 431 -7.56 37.60 -7.33
N GLN B 432 -7.76 38.80 -7.88
CA GLN B 432 -6.79 39.88 -7.68
C GLN B 432 -7.44 41.22 -7.39
N LYS B 433 -6.94 41.88 -6.34
CA LYS B 433 -7.45 43.19 -5.96
C LYS B 433 -6.27 44.13 -5.79
N ARG B 434 -6.40 45.35 -6.31
CA ARG B 434 -5.33 46.34 -6.18
C ARG B 434 -5.80 47.45 -5.27
N PHE B 435 -4.86 48.09 -4.58
CA PHE B 435 -5.17 49.19 -3.67
C PHE B 435 -4.38 50.43 -4.08
N HIS B 436 -5.07 51.55 -4.22
CA HIS B 436 -4.41 52.81 -4.57
C HIS B 436 -5.35 54.00 -4.38
C1 C8E C . -17.50 -17.83 14.52
C2 C8E C . -16.27 -17.63 13.77
C3 C8E C . -15.70 -16.29 13.93
C4 C8E C . -14.33 -16.32 13.42
C5 C8E C . -13.89 -14.94 13.07
C6 C8E C . -13.19 -14.30 14.17
C7 C8E C . -12.57 -13.17 13.46
C8 C8E C . -13.22 -11.86 13.82
O9 C8E C . -12.66 -10.57 13.61
C10 C8E C . -11.46 -10.28 14.27
C11 C8E C . -11.06 -8.83 13.83
O12 C8E C . -11.80 -7.84 14.57
C13 C8E C . -12.80 -7.07 13.74
C14 C8E C . -12.97 -5.54 13.96
O15 C8E C . -13.79 -4.50 13.39
C16 C8E C . -13.16 -3.99 12.27
C17 C8E C . -12.14 -2.91 12.61
O18 C8E C . -12.18 -2.18 13.83
C19 C8E C . -12.84 -0.93 13.78
C20 C8E C . -12.12 0.43 13.92
O21 C8E C . -12.06 1.03 15.21
C1 C8E D . 12.66 15.72 -20.35
C2 C8E D . 13.83 15.49 -19.50
C3 C8E D . 13.67 15.05 -18.09
C4 C8E D . 12.26 14.84 -17.71
C5 C8E D . 12.16 14.74 -16.21
C6 C8E D . 12.54 13.37 -15.80
C7 C8E D . 12.81 13.58 -14.39
C8 C8E D . 12.05 12.51 -13.68
O9 C8E D . 12.40 11.83 -12.51
C10 C8E D . 13.58 11.07 -12.33
C11 C8E D . 13.34 10.54 -10.94
O12 C8E D . 14.56 10.19 -10.24
C13 C8E D . 14.89 8.81 -10.50
C14 C8E D . 14.68 7.58 -9.55
O15 C8E D . 15.80 6.71 -9.22
C16 C8E D . 15.93 5.65 -10.17
C17 C8E D . 15.22 4.33 -9.80
O18 C8E D . 15.23 4.01 -8.43
C19 C8E D . 16.44 3.26 -8.06
C20 C8E D . 17.01 3.35 -6.57
O21 C8E D . 18.14 2.48 -6.20
#